data_1UNH
#
_entry.id   1UNH
#
_cell.length_a   149.541
_cell.length_b   90.124
_cell.length_c   83.158
_cell.angle_alpha   90.00
_cell.angle_beta   93.29
_cell.angle_gamma   90.00
#
_symmetry.space_group_name_H-M   'C 1 2 1'
#
loop_
_entity.id
_entity.type
_entity.pdbx_description
1 polymer 'CYCLIN-DEPENDENT KINASE 5'
2 polymer 'CYCLIN-DEPENDENT KINASE 5 ACTIVATOR 1'
3 non-polymer "(Z)-1H,1'H-[2,3']BIINDOLYLIDENE-3,2'-DIONE-3-OXIME"
4 water water
#
loop_
_entity_poly.entity_id
_entity_poly.type
_entity_poly.pdbx_seq_one_letter_code
_entity_poly.pdbx_strand_id
1 'polypeptide(L)'
;MQKYEKLEKIGEGTYGTVFKAKNRETHEIVALKRVRLDDDDEGVPSSALREICLLKELKHKNIVRLHDVLHSDKKLTLVF
EFCDQDLKKYFDSCNGDLDPEIVKSFLFQLLKGLGFCHSRNVLHRDLKPQNLLINRNGELKLANFGLARAFGIPVRCYSA
EVVTLWYRPPDVLFGAKLYSTSIDMWSAGCIFAELANAGRPLFPGNDVDDQLKRIFRLLGTPTEEQWPSMTKLPDYKPYP
MYPATTSLVNVVPKLNATGRDLLQNLLKCNPVQRISAEEALQHPYFSDFCPP
;
A,B
2 'polypeptide(L)'
;QPPPAQPPAPPASQLSGSQTGGSSSVKKAPHPAVTSAGTPKRVIVQASTSELLRCLGEFLCRRCYRLKHLSPTDPVLWLR
SVDRSLLLQGWQDQGFITPANVVFLYMLCRDVISSEVGSDHELQAVLLTCLYLSYSYMGNEISYPLKPFLVESCKEAFWD
RCLSVINLMSSKMLQINADPHYFTQVFSDLKNESGQEDKKRLLLGLDR
;
D,E
#
# COMPACT_ATOMS: atom_id res chain seq x y z
N GLN A 2 -12.99 -0.67 -19.09
CA GLN A 2 -12.09 -1.85 -19.30
C GLN A 2 -11.41 -1.83 -20.67
N LYS A 3 -11.01 -0.63 -21.08
CA LYS A 3 -10.27 -0.45 -22.34
C LYS A 3 -8.90 0.16 -21.98
N TYR A 4 -8.49 -0.09 -20.74
CA TYR A 4 -7.19 0.32 -20.23
C TYR A 4 -6.30 -0.91 -20.00
N GLU A 5 -5.27 -0.99 -20.83
CA GLU A 5 -4.18 -1.95 -20.68
C GLU A 5 -3.39 -1.64 -19.41
N LYS A 6 -3.47 -2.55 -18.46
CA LYS A 6 -2.75 -2.46 -17.19
C LYS A 6 -1.26 -2.76 -17.37
N LEU A 7 -0.45 -2.20 -16.46
CA LEU A 7 0.99 -2.47 -16.34
C LEU A 7 1.41 -2.45 -14.86
N GLU A 8 2.70 -2.18 -14.63
CA GLU A 8 3.30 -2.19 -13.29
C GLU A 8 2.39 -1.67 -12.17
N LYS A 9 2.32 -2.46 -11.10
CA LYS A 9 1.54 -2.12 -9.90
C LYS A 9 2.30 -1.20 -8.98
N ILE A 10 2.32 0.10 -9.27
CA ILE A 10 2.96 1.06 -8.34
C ILE A 10 2.84 0.62 -6.87
N TYR A 15 -6.50 4.68 0.83
CA TYR A 15 -7.67 3.81 0.84
C TYR A 15 -7.73 2.80 -0.32
N GLY A 16 -6.87 2.97 -1.34
CA GLY A 16 -6.92 2.11 -2.52
C GLY A 16 -5.59 1.61 -3.06
N THR A 17 -5.57 1.20 -4.33
CA THR A 17 -4.30 0.85 -4.95
C THR A 17 -4.03 1.43 -6.36
N VAL A 18 -2.95 2.21 -6.47
CA VAL A 18 -2.57 2.88 -7.71
C VAL A 18 -1.73 2.03 -8.64
N PHE A 19 -2.20 1.87 -9.88
CA PHE A 19 -1.47 1.11 -10.88
C PHE A 19 -1.14 2.00 -12.07
N LYS A 20 0.04 1.77 -12.65
CA LYS A 20 0.40 2.40 -13.93
C LYS A 20 -0.35 1.59 -14.96
N ALA A 21 -0.82 2.25 -16.01
CA ALA A 21 -1.60 1.60 -17.05
C ALA A 21 -1.48 2.39 -18.33
N LYS A 22 -2.10 1.90 -19.39
CA LYS A 22 -1.98 2.52 -20.70
C LYS A 22 -3.30 2.29 -21.37
N ASN A 23 -3.74 3.24 -22.18
CA ASN A 23 -4.72 2.88 -23.18
C ASN A 23 -4.13 3.00 -24.58
N ARG A 24 -4.85 2.45 -25.54
CA ARG A 24 -4.50 2.59 -26.94
C ARG A 24 -5.49 3.59 -27.52
N HIS A 27 0.05 5.47 -27.40
CA HIS A 27 -1.04 6.24 -26.82
C HIS A 27 -0.86 6.40 -25.29
N GLU A 28 -1.74 7.17 -24.66
CA GLU A 28 -1.51 7.71 -23.32
C GLU A 28 -1.25 6.70 -22.17
N ILE A 29 -0.31 7.05 -21.29
CA ILE A 29 -0.12 6.32 -20.02
C ILE A 29 -0.90 7.03 -18.91
N VAL A 30 -1.39 6.26 -17.94
CA VAL A 30 -2.29 6.79 -16.90
C VAL A 30 -2.03 6.09 -15.57
N ALA A 31 -2.66 6.55 -14.51
CA ALA A 31 -2.67 5.82 -13.25
C ALA A 31 -4.09 5.43 -12.90
N LEU A 32 -4.33 4.16 -12.58
CA LEU A 32 -5.65 3.76 -12.08
C LEU A 32 -5.68 3.59 -10.56
N LYS A 33 -6.76 4.07 -9.94
CA LYS A 33 -7.01 3.79 -8.52
C LYS A 33 -8.25 2.92 -8.43
N ARG A 34 -8.03 1.66 -8.06
CA ARG A 34 -9.08 0.66 -8.01
C ARG A 34 -9.57 0.54 -6.58
N VAL A 35 -10.89 0.47 -6.41
CA VAL A 35 -11.57 0.62 -5.12
C VAL A 35 -12.66 -0.41 -5.03
N ARG A 36 -12.59 -1.26 -4.00
CA ARG A 36 -13.54 -2.35 -3.84
C ARG A 36 -14.86 -1.84 -3.29
N LEU A 37 -15.95 -2.36 -3.85
CA LEU A 37 -17.31 -2.03 -3.44
C LEU A 37 -17.94 -3.14 -2.64
N ASP A 38 -17.14 -3.85 -1.83
CA ASP A 38 -17.61 -5.04 -1.09
C ASP A 38 -16.71 -5.38 0.11
N GLY A 43 -15.86 2.47 5.60
CA GLY A 43 -16.43 3.40 4.64
C GLY A 43 -15.49 3.88 3.55
N VAL A 44 -14.73 2.95 2.96
CA VAL A 44 -13.76 3.30 1.92
C VAL A 44 -14.51 3.94 0.72
N PRO A 45 -15.65 3.37 0.31
CA PRO A 45 -16.44 3.93 -0.80
C PRO A 45 -16.94 5.38 -0.56
N SER A 46 -17.47 5.72 0.61
CA SER A 46 -17.95 7.09 0.84
C SER A 46 -16.79 8.09 0.66
N SER A 47 -15.62 7.68 1.12
CA SER A 47 -14.39 8.44 0.99
C SER A 47 -13.94 8.64 -0.47
N ALA A 48 -14.05 7.57 -1.27
CA ALA A 48 -13.68 7.65 -2.68
C ALA A 48 -14.71 8.46 -3.50
N LEU A 49 -16.01 8.32 -3.17
CA LEU A 49 -17.04 9.13 -3.82
C LEU A 49 -16.79 10.64 -3.63
N ARG A 50 -16.43 11.02 -2.40
CA ARG A 50 -16.13 12.39 -2.09
C ARG A 50 -14.96 12.87 -2.92
N GLU A 51 -13.92 12.05 -3.05
CA GLU A 51 -12.74 12.46 -3.81
C GLU A 51 -13.11 12.73 -5.25
N ILE A 52 -13.97 11.91 -5.83
CA ILE A 52 -14.42 12.10 -7.21
C ILE A 52 -15.18 13.43 -7.40
N CYS A 53 -16.13 13.69 -6.49
CA CYS A 53 -16.97 14.91 -6.48
C CYS A 53 -16.13 16.19 -6.46
N LEU A 54 -15.10 16.19 -5.62
CA LEU A 54 -14.23 17.35 -5.44
C LEU A 54 -13.31 17.59 -6.62
N LEU A 55 -12.67 16.52 -7.09
CA LEU A 55 -11.77 16.59 -8.22
C LEU A 55 -12.45 16.95 -9.58
N LYS A 56 -13.67 16.51 -9.84
CA LYS A 56 -14.45 17.02 -10.98
C LYS A 56 -14.55 18.56 -11.06
N GLU A 57 -14.30 19.26 -9.95
CA GLU A 57 -14.55 20.68 -9.83
C GLU A 57 -13.27 21.48 -9.58
N LEU A 58 -12.14 20.78 -9.44
CA LEU A 58 -10.85 21.44 -9.18
C LEU A 58 -9.90 21.18 -10.34
N LYS A 59 -9.99 21.93 -11.44
CA LYS A 59 -9.05 21.80 -12.57
C LYS A 59 -7.99 22.87 -12.52
N HIS A 60 -6.75 22.46 -12.35
CA HIS A 60 -5.64 23.38 -12.16
C HIS A 60 -4.39 22.60 -12.45
N LYS A 61 -3.38 23.24 -13.02
CA LYS A 61 -2.15 22.56 -13.41
C LYS A 61 -1.39 21.97 -12.23
N ASN A 62 -1.66 22.43 -11.01
CA ASN A 62 -0.97 21.94 -9.84
C ASN A 62 -1.82 21.01 -8.98
N ILE A 63 -2.87 20.45 -9.60
CA ILE A 63 -3.71 19.44 -8.95
C ILE A 63 -3.85 18.27 -9.89
N VAL A 64 -3.62 17.05 -9.38
CA VAL A 64 -3.72 15.89 -10.25
C VAL A 64 -5.06 15.90 -11.03
N ARG A 65 -5.04 15.49 -12.29
CA ARG A 65 -6.25 15.47 -13.09
C ARG A 65 -7.01 14.12 -13.01
N LEU A 66 -8.31 14.18 -12.76
CA LEU A 66 -9.15 12.98 -12.91
C LEU A 66 -9.71 12.97 -14.33
N HIS A 67 -9.38 11.95 -15.13
CA HIS A 67 -9.90 11.89 -16.51
C HIS A 67 -11.26 11.23 -16.58
N ASP A 68 -11.45 10.14 -15.84
CA ASP A 68 -12.67 9.32 -15.98
C ASP A 68 -12.95 8.49 -14.72
N VAL A 69 -14.19 7.99 -14.60
CA VAL A 69 -14.57 7.10 -13.50
C VAL A 69 -15.35 5.90 -13.98
N LEU A 70 -14.83 4.71 -13.70
CA LEU A 70 -15.36 3.50 -14.28
C LEU A 70 -15.98 2.60 -13.23
N HIS A 71 -17.02 1.90 -13.60
CA HIS A 71 -17.64 0.99 -12.66
C HIS A 71 -17.90 -0.36 -13.30
N SER A 72 -17.13 -1.35 -12.86
CA SER A 72 -17.23 -2.74 -13.37
C SER A 72 -16.79 -3.77 -12.34
N ASP A 73 -17.36 -4.96 -12.45
CA ASP A 73 -17.14 -6.10 -11.52
C ASP A 73 -16.88 -5.64 -10.08
N LYS A 74 -17.78 -4.82 -9.57
CA LYS A 74 -17.85 -4.52 -8.11
C LYS A 74 -16.61 -3.71 -7.75
N LYS A 75 -16.10 -2.96 -8.72
CA LYS A 75 -15.00 -2.02 -8.48
C LYS A 75 -15.22 -0.66 -9.16
N LEU A 76 -14.81 0.38 -8.46
CA LEU A 76 -14.68 1.70 -9.02
C LEU A 76 -13.23 1.90 -9.43
N THR A 77 -12.99 2.17 -10.71
CA THR A 77 -11.67 2.60 -11.17
C THR A 77 -11.67 4.08 -11.46
N LEU A 78 -10.94 4.86 -10.68
CA LEU A 78 -10.66 6.25 -11.05
C LEU A 78 -9.40 6.31 -11.92
N VAL A 79 -9.54 6.90 -13.10
CA VAL A 79 -8.44 7.06 -14.07
C VAL A 79 -7.85 8.48 -13.97
N PHE A 80 -6.60 8.56 -13.55
CA PHE A 80 -5.94 9.84 -13.33
C PHE A 80 -4.77 10.00 -14.28
N GLU A 81 -4.29 11.22 -14.47
CA GLU A 81 -2.97 11.39 -15.12
C GLU A 81 -1.89 10.67 -14.32
N PHE A 82 -0.81 10.36 -15.01
CA PHE A 82 0.32 9.67 -14.45
C PHE A 82 1.42 10.68 -14.24
N CYS A 83 2.03 10.65 -13.04
CA CYS A 83 3.27 11.35 -12.76
C CYS A 83 4.36 10.37 -12.37
N ASP A 84 5.55 10.70 -12.83
CA ASP A 84 6.71 9.82 -12.69
C ASP A 84 7.03 9.39 -11.24
N GLN A 85 6.86 10.28 -10.27
CA GLN A 85 7.03 9.90 -8.88
C GLN A 85 6.28 10.79 -7.86
N ASP A 86 6.12 10.30 -6.64
CA ASP A 86 5.73 11.15 -5.52
C ASP A 86 6.96 11.83 -4.91
N LEU A 87 6.74 12.87 -4.12
CA LEU A 87 7.87 13.62 -3.52
C LEU A 87 8.77 12.77 -2.63
N LYS A 88 8.17 11.82 -1.92
CA LYS A 88 8.95 10.88 -1.09
C LYS A 88 10.00 10.09 -1.86
N LYS A 89 9.59 9.51 -3.00
CA LYS A 89 10.52 8.79 -3.86
C LYS A 89 11.50 9.76 -4.55
N TYR A 90 11.03 10.97 -4.83
CA TYR A 90 11.89 12.00 -5.38
C TYR A 90 13.08 12.24 -4.43
N PHE A 91 12.77 12.32 -3.15
CA PHE A 91 13.75 12.50 -2.09
C PHE A 91 14.81 11.42 -2.08
N ASP A 92 14.38 10.18 -2.34
CA ASP A 92 15.32 9.04 -2.43
C ASP A 92 16.19 9.06 -3.68
N SER A 93 15.64 9.49 -4.82
CA SER A 93 16.36 9.51 -6.11
C SER A 93 17.55 10.48 -6.12
N CYS A 94 17.32 11.74 -5.76
CA CYS A 94 18.44 12.62 -5.47
C CYS A 94 18.74 12.23 -4.05
N ASN A 95 19.92 12.52 -3.54
CA ASN A 95 20.16 12.13 -2.15
C ASN A 95 20.74 13.25 -1.30
N GLY A 96 20.17 13.42 -0.11
CA GLY A 96 20.64 14.44 0.84
C GLY A 96 20.87 15.83 0.26
N ASP A 97 20.12 16.22 -0.79
CA ASP A 97 20.22 17.55 -1.43
C ASP A 97 19.27 17.90 -2.62
N LEU A 98 18.47 18.94 -2.41
CA LEU A 98 17.79 19.66 -3.49
C LEU A 98 18.44 21.05 -3.60
N ASP A 99 18.73 21.46 -4.83
CA ASP A 99 19.14 22.81 -5.17
C ASP A 99 18.13 23.83 -4.61
N PRO A 100 18.60 24.96 -4.05
CA PRO A 100 17.69 26.00 -3.52
C PRO A 100 16.58 26.44 -4.49
N GLU A 101 16.89 26.43 -5.77
CA GLU A 101 15.93 26.82 -6.82
C GLU A 101 14.83 25.77 -6.96
N ILE A 102 15.17 24.51 -6.73
CA ILE A 102 14.18 23.44 -6.79
C ILE A 102 13.25 23.51 -5.55
N VAL A 103 13.84 23.81 -4.39
CA VAL A 103 13.08 24.07 -3.19
C VAL A 103 12.04 25.16 -3.48
N LYS A 104 12.51 26.26 -4.06
CA LYS A 104 11.66 27.40 -4.35
C LYS A 104 10.54 27.00 -5.32
N SER A 105 10.94 26.37 -6.41
CA SER A 105 9.98 25.95 -7.41
C SER A 105 8.89 25.03 -6.83
N PHE A 106 9.26 24.07 -5.99
CA PHE A 106 8.29 23.12 -5.44
C PHE A 106 7.32 23.76 -4.46
N LEU A 107 7.86 24.60 -3.57
CA LEU A 107 7.03 25.36 -2.64
C LEU A 107 6.03 26.26 -3.39
N PHE A 108 6.50 26.95 -4.42
CA PHE A 108 5.65 27.78 -5.27
C PHE A 108 4.44 27.03 -5.84
N GLN A 109 4.71 25.92 -6.53
CA GLN A 109 3.69 25.12 -7.16
C GLN A 109 2.74 24.55 -6.13
N LEU A 110 3.31 24.05 -5.00
CA LEU A 110 2.46 23.57 -3.90
C LEU A 110 1.47 24.63 -3.43
N LEU A 111 1.99 25.83 -3.12
CA LEU A 111 1.19 26.97 -2.69
C LEU A 111 0.22 27.39 -3.77
N LYS A 112 0.60 27.25 -5.03
CA LYS A 112 -0.31 27.57 -6.11
C LYS A 112 -1.48 26.58 -6.15
N GLY A 113 -1.22 25.29 -6.03
CA GLY A 113 -2.32 24.35 -6.07
C GLY A 113 -3.17 24.40 -4.81
N LEU A 114 -2.51 24.68 -3.68
CA LEU A 114 -3.21 24.77 -2.39
C LEU A 114 -4.05 26.04 -2.32
N GLY A 115 -3.45 27.17 -2.75
CA GLY A 115 -4.17 28.43 -2.90
C GLY A 115 -5.42 28.28 -3.76
N PHE A 116 -5.30 27.53 -4.87
CA PHE A 116 -6.43 27.24 -5.70
C PHE A 116 -7.55 26.46 -4.97
N CYS A 117 -7.20 25.40 -4.25
CA CYS A 117 -8.20 24.62 -3.49
C CYS A 117 -8.96 25.48 -2.53
N HIS A 118 -8.21 26.20 -1.71
CA HIS A 118 -8.76 27.09 -0.69
C HIS A 118 -9.68 28.12 -1.31
N SER A 119 -9.31 28.66 -2.47
CA SER A 119 -10.15 29.67 -3.14
C SER A 119 -11.44 29.08 -3.73
N ARG A 120 -11.47 27.76 -3.93
CA ARG A 120 -12.69 27.05 -4.37
C ARG A 120 -13.44 26.43 -3.18
N ASN A 121 -13.01 26.75 -1.96
CA ASN A 121 -13.66 26.30 -0.75
C ASN A 121 -13.47 24.81 -0.49
N VAL A 122 -12.24 24.33 -0.68
CA VAL A 122 -11.88 22.97 -0.38
C VAL A 122 -10.65 22.90 0.53
N LEU A 123 -10.74 22.08 1.56
CA LEU A 123 -9.62 21.78 2.43
C LEU A 123 -9.08 20.43 2.03
N HIS A 124 -7.76 20.29 1.94
CA HIS A 124 -7.17 19.00 1.59
C HIS A 124 -7.10 18.03 2.80
N ARG A 125 -6.52 18.51 3.91
CA ARG A 125 -6.46 17.79 5.21
C ARG A 125 -5.60 16.53 5.22
N ASP A 126 -4.69 16.42 4.27
CA ASP A 126 -3.75 15.32 4.29
C ASP A 126 -2.50 15.72 3.45
N LEU A 127 -2.03 16.94 3.64
CA LEU A 127 -0.79 17.33 2.98
C LEU A 127 0.43 16.67 3.61
N LYS A 128 1.20 15.96 2.79
CA LYS A 128 2.42 15.26 3.18
C LYS A 128 3.14 14.81 1.87
N PRO A 129 4.43 14.49 1.91
CA PRO A 129 5.18 14.24 0.66
C PRO A 129 4.62 13.08 -0.18
N GLN A 130 4.04 12.05 0.43
CA GLN A 130 3.44 10.99 -0.37
C GLN A 130 2.23 11.42 -1.18
N ASN A 131 1.58 12.52 -0.81
CA ASN A 131 0.43 13.03 -1.56
C ASN A 131 0.80 14.12 -2.56
N LEU A 132 2.10 14.31 -2.77
CA LEU A 132 2.55 15.31 -3.74
C LEU A 132 3.26 14.57 -4.85
N LEU A 133 2.86 14.87 -6.09
CA LEU A 133 3.38 14.16 -7.29
C LEU A 133 4.34 15.04 -8.07
N ILE A 134 5.39 14.43 -8.59
CA ILE A 134 6.37 15.16 -9.35
C ILE A 134 6.60 14.50 -10.69
N ASN A 135 6.40 15.28 -11.75
CA ASN A 135 6.74 14.90 -13.13
C ASN A 135 8.24 14.99 -13.46
N ARG A 136 8.69 14.30 -14.51
CA ARG A 136 10.09 14.45 -15.00
C ARG A 136 10.43 15.90 -15.43
N ASN A 137 9.41 16.62 -15.89
CA ASN A 137 9.50 18.03 -16.22
C ASN A 137 9.62 18.99 -15.00
N GLY A 138 9.62 18.45 -13.78
CA GLY A 138 9.65 19.26 -12.59
C GLY A 138 8.33 19.92 -12.21
N GLU A 139 7.21 19.47 -12.78
CA GLU A 139 5.89 19.92 -12.34
C GLU A 139 5.42 19.13 -11.10
N LEU A 140 4.92 19.88 -10.11
CA LEU A 140 4.38 19.34 -8.88
C LEU A 140 2.85 19.41 -8.90
N LYS A 141 2.20 18.32 -8.46
CA LYS A 141 0.76 18.26 -8.36
C LYS A 141 0.30 17.70 -7.00
N LEU A 142 -0.75 18.30 -6.45
CA LEU A 142 -1.43 17.78 -5.27
C LEU A 142 -2.30 16.60 -5.66
N ALA A 143 -2.33 15.56 -4.84
CA ALA A 143 -3.13 14.37 -5.10
C ALA A 143 -3.76 13.88 -3.81
N ASN A 144 -4.58 12.85 -3.95
CA ASN A 144 -5.20 12.09 -2.87
C ASN A 144 -6.13 12.96 -1.97
N PHE A 145 -7.30 13.25 -2.50
CA PHE A 145 -8.29 14.07 -1.87
C PHE A 145 -9.33 13.22 -1.11
N GLY A 146 -8.95 12.00 -0.71
CA GLY A 146 -9.84 11.12 0.02
C GLY A 146 -10.28 11.69 1.35
N LEU A 147 -9.40 12.50 1.96
CA LEU A 147 -9.68 13.13 3.24
C LEU A 147 -10.13 14.57 3.09
N ALA A 148 -10.14 15.07 1.84
CA ALA A 148 -10.58 16.44 1.57
C ALA A 148 -12.06 16.67 1.81
N ARG A 149 -12.42 17.96 2.01
CA ARG A 149 -13.82 18.34 2.04
C ARG A 149 -14.06 19.79 1.69
N ALA A 150 -15.27 20.03 1.21
CA ALA A 150 -15.79 21.33 0.96
C ALA A 150 -16.16 21.98 2.28
N PHE A 151 -16.04 23.31 2.32
CA PHE A 151 -16.47 24.06 3.50
C PHE A 151 -17.23 25.30 3.09
N GLY A 152 -17.94 25.88 4.06
CA GLY A 152 -18.58 27.16 3.85
C GLY A 152 -19.93 27.26 4.47
N ILE A 153 -20.66 26.16 4.53
CA ILE A 153 -21.90 26.16 5.30
C ILE A 153 -21.53 26.15 6.78
N PRO A 154 -22.01 27.14 7.54
CA PRO A 154 -21.88 27.10 9.01
C PRO A 154 -22.22 25.72 9.59
N VAL A 155 -21.24 25.13 10.24
CA VAL A 155 -21.34 23.79 10.82
C VAL A 155 -21.04 24.00 12.28
N ARG A 156 -21.33 22.98 13.10
CA ARG A 156 -20.93 23.00 14.51
C ARG A 156 -19.45 22.57 14.65
N CYS A 157 -18.99 21.72 13.74
CA CYS A 157 -17.64 21.12 13.76
C CYS A 157 -17.37 20.17 12.59
N TYR A 158 -16.11 19.75 12.46
CA TYR A 158 -15.74 18.76 11.47
C TYR A 158 -15.33 17.49 12.18
N SER A 159 -14.11 17.04 11.93
CA SER A 159 -13.52 15.89 12.60
C SER A 159 -12.07 16.23 12.94
N ALA A 160 -11.61 15.74 14.08
CA ALA A 160 -10.23 15.88 14.49
C ALA A 160 -9.41 14.71 14.00
N GLU A 161 -10.06 13.71 13.37
CA GLU A 161 -9.32 12.55 12.84
C GLU A 161 -8.74 12.81 11.43
N VAL A 162 -7.90 13.85 11.32
CA VAL A 162 -7.44 14.32 10.03
C VAL A 162 -5.95 14.67 10.07
N VAL A 163 -5.28 14.53 8.92
CA VAL A 163 -3.86 14.78 8.74
C VAL A 163 -3.02 13.69 9.38
N THR A 164 -2.11 13.13 8.60
CA THR A 164 -1.07 12.28 9.15
C THR A 164 -0.29 12.97 10.32
N LEU A 165 -0.04 12.17 11.36
CA LEU A 165 0.58 12.62 12.61
C LEU A 165 1.71 13.68 12.46
N TRP A 166 2.71 13.37 11.66
CA TRP A 166 3.88 14.26 11.56
C TRP A 166 3.57 15.63 10.91
N TYR A 167 2.41 15.74 10.27
CA TYR A 167 2.00 16.96 9.54
C TYR A 167 0.80 17.65 10.21
N ARG A 168 0.39 17.13 11.35
CA ARG A 168 -0.79 17.59 12.06
C ARG A 168 -0.48 18.79 12.96
N PRO A 169 -1.18 19.90 12.78
CA PRO A 169 -0.95 21.09 13.61
C PRO A 169 -1.37 20.92 15.10
N PRO A 170 -0.76 21.71 15.96
CA PRO A 170 -1.01 21.65 17.41
C PRO A 170 -2.46 21.83 17.78
N ASP A 171 -3.24 22.67 17.11
CA ASP A 171 -4.63 22.83 17.52
C ASP A 171 -5.33 21.49 17.31
N VAL A 172 -5.09 20.84 16.18
CA VAL A 172 -5.74 19.54 15.95
C VAL A 172 -5.18 18.46 16.91
N LEU A 173 -3.90 18.53 17.22
CA LEU A 173 -3.31 17.64 18.21
C LEU A 173 -3.95 17.89 19.58
N PHE A 174 -4.43 19.12 19.79
CA PHE A 174 -5.11 19.45 21.03
C PHE A 174 -6.60 19.08 20.94
N GLY A 175 -6.96 18.31 19.90
CA GLY A 175 -8.32 17.87 19.72
C GLY A 175 -9.32 18.78 19.03
N ALA A 176 -8.88 19.88 18.41
CA ALA A 176 -9.81 20.80 17.74
C ALA A 176 -10.55 20.15 16.58
N LYS A 177 -11.84 20.41 16.58
CA LYS A 177 -12.75 19.76 15.67
C LYS A 177 -13.14 20.78 14.64
N LEU A 178 -12.95 22.05 15.00
CA LEU A 178 -13.18 23.16 14.11
C LEU A 178 -11.86 23.79 13.61
N TYR A 179 -11.78 24.09 12.32
CA TYR A 179 -10.57 24.69 11.76
C TYR A 179 -10.86 25.29 10.41
N SER A 180 -9.94 26.14 9.96
CA SER A 180 -10.00 26.84 8.69
C SER A 180 -8.93 26.29 7.73
N THR A 181 -8.72 26.99 6.63
CA THR A 181 -7.67 26.68 5.65
C THR A 181 -6.25 26.66 6.27
N SER A 182 -6.11 27.25 7.46
CA SER A 182 -4.87 27.26 8.19
C SER A 182 -4.35 25.84 8.52
N ILE A 183 -5.24 24.86 8.59
CA ILE A 183 -4.81 23.47 8.78
C ILE A 183 -3.81 22.98 7.69
N ASP A 184 -4.05 23.29 6.41
CA ASP A 184 -3.14 22.84 5.34
C ASP A 184 -1.85 23.70 5.30
N MET A 185 -1.94 24.92 5.81
CA MET A 185 -0.82 25.84 5.91
C MET A 185 0.27 25.37 6.90
N TRP A 186 -0.14 24.79 8.03
CA TRP A 186 0.85 24.15 8.92
C TRP A 186 1.56 23.00 8.19
N SER A 187 0.77 22.19 7.52
CA SER A 187 1.28 21.02 6.79
C SER A 187 2.27 21.44 5.70
N ALA A 188 1.93 22.49 4.96
CA ALA A 188 2.78 23.07 3.93
C ALA A 188 4.14 23.55 4.52
N GLY A 189 4.10 24.14 5.72
CA GLY A 189 5.31 24.54 6.43
C GLY A 189 6.24 23.37 6.76
N CYS A 190 5.64 22.29 7.24
CA CYS A 190 6.36 21.07 7.54
C CYS A 190 7.03 20.52 6.27
N ILE A 191 6.34 20.56 5.13
CA ILE A 191 6.92 20.13 3.84
C ILE A 191 8.06 21.05 3.40
N PHE A 192 7.81 22.36 3.45
CA PHE A 192 8.89 23.35 3.27
C PHE A 192 10.20 22.99 4.05
N ALA A 193 10.10 22.63 5.33
CA ALA A 193 11.31 22.24 6.09
C ALA A 193 11.98 20.97 5.56
N GLU A 194 11.17 19.99 5.14
CA GLU A 194 11.69 18.77 4.50
C GLU A 194 12.45 19.09 3.23
N LEU A 195 11.82 19.90 2.36
CA LEU A 195 12.46 20.37 1.14
C LEU A 195 13.83 20.97 1.41
N ALA A 196 13.90 21.79 2.46
CA ALA A 196 15.04 22.67 2.62
C ALA A 196 16.13 22.06 3.46
N ASN A 197 15.83 20.96 4.17
CA ASN A 197 16.89 20.31 4.93
C ASN A 197 17.46 19.22 4.04
N ALA A 198 17.00 17.98 4.20
CA ALA A 198 17.47 16.89 3.34
C ALA A 198 16.35 15.89 3.19
N GLY A 199 15.15 16.42 3.19
CA GLY A 199 13.98 15.63 2.91
C GLY A 199 13.58 14.71 4.06
N ARG A 200 14.06 15.01 5.27
CA ARG A 200 13.62 14.30 6.46
C ARG A 200 12.51 15.08 7.20
N PRO A 201 11.54 14.40 7.78
CA PRO A 201 10.50 15.12 8.52
C PRO A 201 11.08 16.03 9.61
N LEU A 202 10.51 17.21 9.75
CA LEU A 202 10.88 18.13 10.82
C LEU A 202 10.42 17.58 12.18
N PHE A 203 9.24 16.96 12.26
CA PHE A 203 8.68 16.51 13.55
C PHE A 203 8.18 15.05 13.51
N PRO A 204 9.09 14.08 13.46
CA PRO A 204 8.67 12.66 13.44
C PRO A 204 8.25 12.06 14.81
N GLY A 205 7.18 12.53 15.42
CA GLY A 205 6.79 11.94 16.70
C GLY A 205 6.30 10.46 16.64
N ASN A 206 6.36 9.80 17.80
CA ASN A 206 5.83 8.46 18.01
C ASN A 206 4.31 8.40 18.17
N ASP A 207 3.73 9.47 18.72
CA ASP A 207 2.31 9.54 19.06
C ASP A 207 1.93 11.02 19.31
N VAL A 208 0.67 11.29 19.63
CA VAL A 208 0.14 12.67 19.83
C VAL A 208 0.96 13.47 20.88
N ASP A 209 1.18 12.85 22.03
CA ASP A 209 1.95 13.45 23.09
C ASP A 209 3.36 13.82 22.61
N ASP A 210 4.04 12.86 22.02
CA ASP A 210 5.43 13.05 21.66
C ASP A 210 5.59 14.06 20.49
N GLN A 211 4.58 14.12 19.63
CA GLN A 211 4.49 15.08 18.55
C GLN A 211 4.45 16.53 19.04
N LEU A 212 3.58 16.77 20.01
CA LEU A 212 3.46 18.05 20.68
C LEU A 212 4.77 18.43 21.37
N LYS A 213 5.45 17.46 22.01
CA LYS A 213 6.73 17.73 22.64
C LYS A 213 7.76 18.27 21.64
N ARG A 214 7.83 17.61 20.47
CA ARG A 214 8.79 17.98 19.41
C ARG A 214 8.51 19.36 18.84
N ILE A 215 7.23 19.68 18.63
CA ILE A 215 6.86 20.97 18.09
C ILE A 215 7.27 22.02 19.09
N PHE A 216 6.82 21.87 20.34
CA PHE A 216 7.06 22.86 21.39
C PHE A 216 8.56 23.04 21.75
N ARG A 217 9.34 21.95 21.77
CA ARG A 217 10.79 22.03 22.04
C ARG A 217 11.48 22.92 21.00
N LEU A 218 11.03 22.86 19.76
CA LEU A 218 11.65 23.68 18.73
C LEU A 218 11.05 25.08 18.67
N LEU A 219 9.73 25.20 18.64
CA LEU A 219 9.09 26.49 18.45
C LEU A 219 8.83 27.25 19.76
N GLY A 220 8.64 26.54 20.86
CA GLY A 220 8.27 27.16 22.11
C GLY A 220 6.86 26.74 22.48
N THR A 221 6.68 26.38 23.74
CA THR A 221 5.37 26.11 24.25
C THR A 221 4.65 27.45 24.16
N PRO A 222 3.45 27.44 23.60
CA PRO A 222 2.69 28.68 23.38
C PRO A 222 2.13 29.21 24.70
N THR A 223 2.19 30.52 24.93
CA THR A 223 1.56 31.12 26.11
C THR A 223 0.11 31.48 25.84
N GLU A 224 -0.65 31.62 26.92
CA GLU A 224 -2.03 32.07 26.82
C GLU A 224 -2.14 33.49 26.26
N GLU A 225 -1.00 34.19 26.21
CA GLU A 225 -0.91 35.52 25.59
C GLU A 225 -0.98 35.38 24.08
N GLN A 226 -0.17 34.45 23.54
CA GLN A 226 -0.08 34.23 22.12
C GLN A 226 -1.31 33.51 21.59
N TRP A 227 -1.94 32.70 22.42
CA TRP A 227 -2.97 31.81 21.94
C TRP A 227 -4.07 31.64 22.98
N PRO A 228 -4.84 32.72 23.19
CA PRO A 228 -5.84 32.79 24.27
C PRO A 228 -6.75 31.57 24.38
N SER A 229 -7.40 31.19 23.29
CA SER A 229 -8.46 30.17 23.34
C SER A 229 -7.97 28.69 23.42
N MET A 230 -6.66 28.48 23.50
CA MET A 230 -6.08 27.13 23.54
C MET A 230 -6.51 26.25 24.74
N THR A 231 -6.71 26.85 25.90
CA THR A 231 -7.10 26.09 27.08
C THR A 231 -8.52 25.52 26.96
N LYS A 232 -9.32 26.06 26.02
CA LYS A 232 -10.70 25.64 25.79
C LYS A 232 -10.82 24.47 24.80
N LEU A 233 -9.71 24.15 24.12
CA LEU A 233 -9.68 23.00 23.23
C LEU A 233 -9.84 21.69 24.01
N PRO A 234 -10.62 20.75 23.45
CA PRO A 234 -11.11 19.57 24.20
C PRO A 234 -10.00 18.66 24.73
N ASP A 235 -8.84 18.60 24.06
CA ASP A 235 -7.71 17.77 24.50
C ASP A 235 -6.45 18.58 24.78
N TYR A 236 -6.63 19.82 25.25
CA TYR A 236 -5.53 20.62 25.76
C TYR A 236 -4.87 19.94 26.96
N LYS A 237 -3.55 19.97 26.96
CA LYS A 237 -2.72 19.69 28.15
C LYS A 237 -1.61 20.77 28.26
N PRO A 238 -1.31 21.25 29.46
CA PRO A 238 -0.25 22.24 29.61
C PRO A 238 1.13 21.60 29.65
N TYR A 239 1.87 21.70 28.55
CA TYR A 239 3.23 21.19 28.49
C TYR A 239 4.20 22.08 29.30
N PRO A 240 5.37 21.56 29.67
CA PRO A 240 6.37 22.40 30.33
C PRO A 240 6.76 23.50 29.35
N MET A 241 7.16 24.63 29.91
CA MET A 241 7.32 25.87 29.13
C MET A 241 8.72 26.01 28.51
N TYR A 242 8.96 25.29 27.40
CA TYR A 242 10.29 25.23 26.75
C TYR A 242 10.67 26.54 26.04
N PRO A 243 11.99 26.82 26.03
CA PRO A 243 12.57 27.90 25.19
C PRO A 243 12.05 27.95 23.73
N ALA A 244 11.48 29.08 23.32
CA ALA A 244 11.21 29.36 21.89
C ALA A 244 12.56 29.58 21.21
N THR A 245 13.01 28.62 20.39
CA THR A 245 14.32 28.84 19.74
C THR A 245 14.10 29.30 18.32
N THR A 246 13.82 30.61 18.21
CA THR A 246 13.29 31.24 16.99
C THR A 246 14.32 31.27 15.85
N SER A 247 15.59 31.07 16.23
CA SER A 247 16.67 30.78 15.27
C SER A 247 16.55 29.34 14.70
N LEU A 248 15.58 29.18 13.77
CA LEU A 248 15.31 27.94 13.03
C LEU A 248 16.48 27.56 12.12
N VAL A 249 17.51 28.40 12.15
CA VAL A 249 18.75 28.26 11.40
C VAL A 249 19.36 26.86 11.53
N ASN A 250 19.34 26.31 12.74
CA ASN A 250 19.92 24.99 13.00
C ASN A 250 19.11 23.83 12.40
N VAL A 251 17.85 24.08 12.04
CA VAL A 251 17.01 23.02 11.49
C VAL A 251 16.89 23.12 9.96
N VAL A 252 17.23 24.28 9.43
CA VAL A 252 17.01 24.52 8.01
C VAL A 252 18.22 25.28 7.41
N PRO A 253 19.43 24.68 7.50
CA PRO A 253 20.68 25.43 7.28
C PRO A 253 20.94 25.87 5.84
N LYS A 254 20.24 25.27 4.88
CA LYS A 254 20.36 25.67 3.48
C LYS A 254 19.20 26.58 3.04
N LEU A 255 18.54 27.20 4.01
CA LEU A 255 17.52 28.19 3.69
C LEU A 255 18.03 29.61 4.03
N ASN A 256 17.82 30.57 3.14
CA ASN A 256 18.21 31.96 3.39
C ASN A 256 17.35 32.61 4.49
N ALA A 257 17.81 33.76 4.99
CA ALA A 257 17.06 34.56 5.98
C ALA A 257 15.61 34.83 5.57
N THR A 258 15.40 35.05 4.28
CA THR A 258 14.08 35.27 3.70
C THR A 258 13.23 33.98 3.76
N GLY A 259 13.83 32.85 3.38
CA GLY A 259 13.12 31.59 3.41
C GLY A 259 12.66 31.26 4.81
N ARG A 260 13.55 31.47 5.77
CA ARG A 260 13.27 31.18 7.17
C ARG A 260 12.11 32.02 7.71
N ASP A 261 12.10 33.31 7.36
CA ASP A 261 10.97 34.17 7.70
C ASP A 261 9.62 33.56 7.27
N LEU A 262 9.51 33.17 6.00
CA LEU A 262 8.28 32.54 5.50
C LEU A 262 7.99 31.26 6.27
N LEU A 263 9.02 30.44 6.47
CA LEU A 263 8.88 29.19 7.22
C LEU A 263 8.30 29.43 8.64
N GLN A 264 8.80 30.41 9.37
CA GLN A 264 8.23 30.72 10.68
C GLN A 264 6.74 31.16 10.62
N ASN A 265 6.35 31.84 9.55
CA ASN A 265 5.01 32.31 9.38
C ASN A 265 4.01 31.23 9.04
N LEU A 266 4.50 30.16 8.42
CA LEU A 266 3.71 28.94 8.17
C LEU A 266 3.57 28.15 9.46
N LEU A 267 4.66 28.10 10.23
CA LEU A 267 4.74 27.29 11.43
C LEU A 267 4.35 28.05 12.72
N LYS A 268 3.16 28.65 12.73
CA LYS A 268 2.66 29.30 13.92
C LYS A 268 1.72 28.36 14.66
N CYS A 269 1.85 28.28 15.99
CA CYS A 269 1.07 27.33 16.76
C CYS A 269 -0.41 27.72 16.77
N ASN A 270 -0.67 28.99 17.02
CA ASN A 270 -2.01 29.56 16.93
C ASN A 270 -2.46 29.59 15.46
N PRO A 271 -3.52 28.86 15.09
CA PRO A 271 -3.92 28.78 13.67
C PRO A 271 -4.20 30.14 13.08
N VAL A 272 -4.67 31.10 13.88
CA VAL A 272 -4.95 32.45 13.38
C VAL A 272 -3.68 33.21 12.97
N GLN A 273 -2.52 32.89 13.56
CA GLN A 273 -1.25 33.59 13.25
C GLN A 273 -0.62 33.04 11.90
N ARG A 274 -1.16 31.95 11.36
CA ARG A 274 -0.59 31.30 10.17
C ARG A 274 -0.86 32.12 8.90
N ILE A 275 0.16 32.39 8.09
CA ILE A 275 -0.10 33.02 6.79
C ILE A 275 -0.91 32.10 5.87
N SER A 276 -1.72 32.70 5.01
CA SER A 276 -2.47 31.99 4.01
C SER A 276 -1.60 31.78 2.75
N ALA A 277 -2.14 30.98 1.83
CA ALA A 277 -1.44 30.59 0.61
C ALA A 277 -1.27 31.76 -0.31
N GLU A 278 -2.32 32.57 -0.42
CA GLU A 278 -2.27 33.79 -1.18
C GLU A 278 -1.15 34.77 -0.69
N GLU A 279 -1.06 34.96 0.62
CA GLU A 279 -0.08 35.88 1.23
C GLU A 279 1.34 35.35 1.09
N ALA A 280 1.48 34.04 1.29
CA ALA A 280 2.77 33.37 1.16
C ALA A 280 3.37 33.49 -0.25
N LEU A 281 2.52 33.49 -1.28
CA LEU A 281 2.97 33.65 -2.67
C LEU A 281 3.46 35.07 -2.96
N GLN A 282 2.96 36.04 -2.19
CA GLN A 282 3.45 37.42 -2.33
C GLN A 282 4.69 37.66 -1.47
N HIS A 283 5.14 36.62 -0.77
CA HIS A 283 6.31 36.70 0.10
C HIS A 283 7.62 37.03 -0.66
N PRO A 284 8.45 37.88 -0.07
CA PRO A 284 9.77 38.24 -0.66
C PRO A 284 10.63 37.04 -1.06
N TYR A 285 10.54 35.95 -0.30
CA TYR A 285 11.20 34.71 -0.64
C TYR A 285 11.10 34.46 -2.13
N PHE A 286 9.90 34.63 -2.67
CA PHE A 286 9.61 34.36 -4.08
C PHE A 286 9.90 35.61 -4.91
N SER A 287 10.27 35.43 -6.17
CA SER A 287 10.56 36.58 -7.00
C SER A 287 11.25 36.19 -8.31
N ASP A 288 10.57 35.61 -9.19
N GLN B 2 -10.66 -14.86 13.04
CA GLN B 2 -11.54 -13.68 13.30
C GLN B 2 -11.73 -13.39 14.80
N LYS B 3 -10.77 -13.86 15.61
CA LYS B 3 -10.75 -13.65 17.06
C LYS B 3 -9.80 -12.51 17.42
N TYR B 4 -9.62 -11.59 16.47
CA TYR B 4 -8.65 -10.50 16.59
C TYR B 4 -9.36 -9.15 16.46
N GLU B 5 -9.32 -8.36 17.53
CA GLU B 5 -9.69 -6.95 17.51
C GLU B 5 -8.70 -6.14 16.64
N LYS B 6 -9.13 -5.84 15.42
CA LYS B 6 -8.41 -4.94 14.53
C LYS B 6 -8.28 -3.53 15.13
N LEU B 7 -7.17 -2.86 14.80
CA LEU B 7 -6.92 -1.46 15.16
C LEU B 7 -6.31 -0.73 13.96
N GLU B 8 -5.56 0.35 14.25
CA GLU B 8 -5.01 1.22 13.21
C GLU B 8 -4.61 0.39 12.01
N LYS B 9 -4.54 0.97 10.83
CA LYS B 9 -4.39 0.15 9.64
C LYS B 9 -3.07 0.38 8.90
N ILE B 10 -1.96 0.15 9.59
CA ILE B 10 -0.61 0.49 9.11
C ILE B 10 -0.57 1.03 7.69
N TYR B 15 2.02 -7.81 -1.61
CA TYR B 15 0.87 -8.36 -2.33
C TYR B 15 -0.45 -8.16 -1.56
N GLY B 16 -0.36 -7.82 -0.28
CA GLY B 16 -1.57 -7.58 0.52
C GLY B 16 -1.48 -6.36 1.44
N THR B 17 -2.41 -6.25 2.40
CA THR B 17 -2.36 -5.12 3.34
C THR B 17 -2.24 -5.48 4.84
N VAL B 18 -1.18 -4.95 5.49
CA VAL B 18 -0.84 -5.17 6.90
C VAL B 18 -1.59 -4.25 7.88
N PHE B 19 -2.26 -4.83 8.88
CA PHE B 19 -3.06 -4.09 9.83
C PHE B 19 -2.68 -4.41 11.27
N LYS B 20 -2.17 -3.43 12.01
CA LYS B 20 -2.04 -3.56 13.47
C LYS B 20 -3.39 -4.02 14.00
N ALA B 21 -3.37 -5.08 14.81
CA ALA B 21 -4.57 -5.59 15.44
C ALA B 21 -4.19 -5.96 16.84
N LYS B 22 -5.14 -6.54 17.58
CA LYS B 22 -4.97 -6.85 18.99
C LYS B 22 -5.96 -7.94 19.30
N ASN B 23 -5.66 -8.83 20.21
CA ASN B 23 -6.71 -9.66 20.79
C ASN B 23 -6.84 -9.42 22.28
N ARG B 24 -7.75 -10.16 22.92
CA ARG B 24 -8.16 -9.88 24.29
C ARG B 24 -7.92 -11.12 25.15
N HIS B 27 -5.02 -10.14 25.26
CA HIS B 27 -3.70 -9.58 25.67
C HIS B 27 -2.84 -8.87 24.54
N GLU B 28 -2.28 -9.66 23.61
CA GLU B 28 -1.15 -9.28 22.76
C GLU B 28 -1.49 -8.41 21.54
N ILE B 29 -0.50 -7.61 21.09
CA ILE B 29 -0.59 -6.92 19.79
C ILE B 29 0.11 -7.68 18.66
N VAL B 30 -0.54 -7.72 17.50
CA VAL B 30 -0.12 -8.53 16.37
C VAL B 30 -0.23 -7.70 15.11
N ALA B 31 0.26 -8.23 13.99
CA ALA B 31 -0.01 -7.63 12.70
C ALA B 31 -0.75 -8.66 11.85
N LEU B 32 -1.84 -8.26 11.21
CA LEU B 32 -2.54 -9.16 10.29
C LEU B 32 -2.26 -8.81 8.85
N LYS B 33 -1.92 -9.81 8.04
CA LYS B 33 -1.84 -9.63 6.58
C LYS B 33 -3.07 -10.27 5.97
N ARG B 34 -3.92 -9.45 5.35
CA ARG B 34 -5.07 -9.95 4.65
C ARG B 34 -4.74 -10.13 3.20
N VAL B 35 -5.19 -11.27 2.68
CA VAL B 35 -5.00 -11.66 1.28
C VAL B 35 -6.37 -12.06 0.77
N ARG B 36 -6.74 -11.51 -0.38
CA ARG B 36 -8.05 -11.73 -0.98
C ARG B 36 -8.02 -12.98 -1.87
N LEU B 37 -8.99 -13.87 -1.71
CA LEU B 37 -9.07 -15.08 -2.55
C LEU B 37 -9.90 -14.95 -3.85
N ASP B 38 -9.99 -13.74 -4.42
CA ASP B 38 -10.87 -13.45 -5.56
C ASP B 38 -10.39 -12.33 -6.49
N GLY B 43 -2.19 -14.36 -9.43
CA GLY B 43 -1.57 -15.24 -8.45
C GLY B 43 -1.12 -14.57 -7.16
N VAL B 44 -2.03 -13.83 -6.54
CA VAL B 44 -1.72 -13.26 -5.23
C VAL B 44 -1.71 -14.44 -4.23
N PRO B 45 -2.72 -15.31 -4.27
CA PRO B 45 -2.79 -16.44 -3.34
C PRO B 45 -1.59 -17.40 -3.43
N SER B 46 -1.16 -17.72 -4.65
CA SER B 46 -0.07 -18.66 -4.82
C SER B 46 1.18 -18.12 -4.14
N SER B 47 1.37 -16.80 -4.18
CA SER B 47 2.53 -16.18 -3.55
C SER B 47 2.43 -16.15 -2.03
N ALA B 48 1.25 -15.88 -1.50
CA ALA B 48 1.01 -15.93 -0.07
C ALA B 48 1.08 -17.37 0.50
N LEU B 49 0.58 -18.35 -0.25
CA LEU B 49 0.75 -19.75 0.15
C LEU B 49 2.23 -20.11 0.29
N ARG B 50 3.06 -19.64 -0.63
CA ARG B 50 4.47 -19.93 -0.57
C ARG B 50 5.09 -19.29 0.68
N GLU B 51 4.74 -18.03 0.94
CA GLU B 51 5.22 -17.37 2.12
C GLU B 51 4.89 -18.13 3.41
N ILE B 52 3.67 -18.64 3.52
CA ILE B 52 3.27 -19.41 4.69
C ILE B 52 4.13 -20.67 4.84
N CYS B 53 4.27 -21.47 3.77
CA CYS B 53 5.09 -22.68 3.77
C CYS B 53 6.50 -22.43 4.30
N LEU B 54 7.11 -21.38 3.79
CA LEU B 54 8.47 -21.06 4.08
C LEU B 54 8.63 -20.61 5.50
N LEU B 55 7.74 -19.73 5.95
CA LEU B 55 7.80 -19.16 7.29
C LEU B 55 7.53 -20.20 8.40
N LYS B 56 6.63 -21.17 8.19
CA LYS B 56 6.52 -22.30 9.13
C LYS B 56 7.86 -23.01 9.46
N GLU B 57 8.83 -22.90 8.56
CA GLU B 57 10.09 -23.61 8.70
C GLU B 57 11.27 -22.68 8.91
N LEU B 58 11.03 -21.40 9.13
CA LEU B 58 12.14 -20.50 9.36
C LEU B 58 12.00 -19.78 10.70
N LYS B 59 12.15 -20.47 11.83
CA LYS B 59 12.05 -19.85 13.17
C LYS B 59 13.39 -19.36 13.69
N HIS B 60 13.52 -18.05 13.84
CA HIS B 60 14.78 -17.43 14.21
C HIS B 60 14.47 -16.03 14.75
N LYS B 61 15.32 -15.54 15.66
CA LYS B 61 15.10 -14.24 16.28
C LYS B 61 15.15 -13.03 15.33
N ASN B 62 15.78 -13.18 14.16
CA ASN B 62 15.86 -12.10 13.17
C ASN B 62 15.03 -12.32 11.90
N ILE B 63 14.01 -13.19 12.01
CA ILE B 63 13.01 -13.39 10.97
C ILE B 63 11.66 -13.21 11.63
N VAL B 64 10.82 -12.38 11.06
CA VAL B 64 9.49 -12.15 11.64
C VAL B 64 8.73 -13.49 11.89
N ARG B 65 8.08 -13.59 13.04
CA ARG B 65 7.34 -14.80 13.39
C ARG B 65 5.91 -14.79 12.85
N LEU B 66 5.54 -15.90 12.20
CA LEU B 66 4.16 -16.18 11.78
C LEU B 66 3.50 -16.99 12.88
N HIS B 67 2.48 -16.43 13.54
CA HIS B 67 1.81 -17.12 14.65
C HIS B 67 0.74 -18.10 14.18
N ASP B 68 -0.05 -17.71 13.17
CA ASP B 68 -1.26 -18.47 12.79
C ASP B 68 -1.75 -18.12 11.39
N VAL B 69 -2.63 -18.95 10.83
CA VAL B 69 -3.27 -18.66 9.54
C VAL B 69 -4.77 -18.97 9.58
N LEU B 70 -5.59 -17.94 9.43
CA LEU B 70 -7.04 -18.07 9.50
C LEU B 70 -7.67 -17.95 8.11
N HIS B 71 -8.71 -18.74 7.87
CA HIS B 71 -9.42 -18.69 6.61
C HIS B 71 -10.90 -18.47 6.90
N SER B 72 -11.40 -17.30 6.50
CA SER B 72 -12.83 -16.95 6.59
C SER B 72 -13.16 -15.85 5.59
N ASP B 73 -14.44 -15.79 5.23
CA ASP B 73 -15.02 -14.81 4.29
C ASP B 73 -14.18 -14.61 3.04
N LYS B 74 -13.91 -15.68 2.30
CA LYS B 74 -13.04 -15.61 1.11
C LYS B 74 -11.76 -14.81 1.32
N LYS B 75 -11.21 -14.87 2.53
CA LYS B 75 -9.95 -14.17 2.84
C LYS B 75 -8.98 -14.97 3.71
N LEU B 76 -7.70 -14.91 3.37
CA LEU B 76 -6.66 -15.46 4.21
C LEU B 76 -6.07 -14.36 5.06
N THR B 77 -6.09 -14.55 6.37
CA THR B 77 -5.39 -13.67 7.30
C THR B 77 -4.20 -14.37 7.92
N LEU B 78 -3.00 -13.87 7.62
CA LEU B 78 -1.82 -14.33 8.33
C LEU B 78 -1.48 -13.44 9.54
N VAL B 79 -1.31 -14.08 10.69
CA VAL B 79 -1.08 -13.39 11.96
C VAL B 79 0.43 -13.39 12.27
N PHE B 80 1.04 -12.20 12.32
CA PHE B 80 2.48 -12.05 12.59
C PHE B 80 2.78 -11.27 13.87
N GLU B 81 3.97 -11.43 14.44
CA GLU B 81 4.43 -10.49 15.47
C GLU B 81 4.38 -9.07 14.88
N PHE B 82 4.13 -8.12 15.77
CA PHE B 82 4.15 -6.70 15.47
C PHE B 82 5.55 -6.17 15.74
N CYS B 83 6.04 -5.34 14.84
CA CYS B 83 7.20 -4.52 15.12
C CYS B 83 6.83 -3.07 14.94
N ASP B 84 7.41 -2.22 15.77
CA ASP B 84 7.00 -0.81 15.82
C ASP B 84 7.19 -0.04 14.50
N GLN B 85 8.24 -0.36 13.72
CA GLN B 85 8.39 0.22 12.38
C GLN B 85 9.18 -0.62 11.37
N ASP B 86 9.19 -0.19 10.12
CA ASP B 86 10.13 -0.73 9.14
C ASP B 86 11.38 0.16 9.09
N LEU B 87 12.43 -0.31 8.43
CA LEU B 87 13.70 0.45 8.41
C LEU B 87 13.57 1.78 7.67
N LYS B 88 12.73 1.78 6.64
CA LYS B 88 12.47 3.00 5.90
C LYS B 88 11.87 4.10 6.79
N LYS B 89 10.87 3.74 7.60
CA LYS B 89 10.31 4.68 8.56
C LYS B 89 11.30 5.06 9.69
N TYR B 90 12.17 4.11 10.06
CA TYR B 90 13.23 4.35 11.03
C TYR B 90 14.13 5.47 10.52
N PHE B 91 14.51 5.38 9.25
CA PHE B 91 15.30 6.42 8.60
C PHE B 91 14.68 7.80 8.73
N ASP B 92 13.35 7.88 8.62
CA ASP B 92 12.64 9.14 8.85
C ASP B 92 12.55 9.63 10.32
N SER B 93 12.34 8.71 11.26
CA SER B 93 12.20 9.00 12.72
C SER B 93 13.44 9.64 13.35
N CYS B 94 14.57 8.95 13.31
CA CYS B 94 15.84 9.60 13.57
C CYS B 94 16.05 10.25 12.24
N ASN B 95 16.94 11.24 12.14
CA ASN B 95 17.12 11.86 10.83
C ASN B 95 18.55 12.13 10.41
N GLY B 96 18.84 11.80 9.15
CA GLY B 96 20.17 11.99 8.57
C GLY B 96 21.31 11.63 9.51
N ASP B 97 21.16 10.51 10.25
CA ASP B 97 22.23 9.98 11.12
C ASP B 97 21.89 8.83 12.07
N LEU B 98 22.57 7.71 11.82
CA LEU B 98 22.61 6.60 12.75
C LEU B 98 24.02 6.58 13.33
N ASP B 99 24.08 6.43 14.65
CA ASP B 99 25.31 6.10 15.38
C ASP B 99 26.00 4.86 14.73
N PRO B 100 27.33 4.86 14.61
CA PRO B 100 28.05 3.73 13.98
C PRO B 100 27.80 2.36 14.67
N GLU B 101 27.57 2.36 15.97
CA GLU B 101 27.27 1.15 16.72
C GLU B 101 25.88 0.59 16.31
N ILE B 102 24.99 1.47 15.85
CA ILE B 102 23.66 1.06 15.41
C ILE B 102 23.77 0.47 14.01
N VAL B 103 24.57 1.12 13.17
CA VAL B 103 24.89 0.62 11.83
C VAL B 103 25.33 -0.86 11.95
N LYS B 104 26.31 -1.08 12.81
CA LYS B 104 26.89 -2.40 13.09
C LYS B 104 25.91 -3.45 13.65
N SER B 105 25.12 -3.09 14.67
CA SER B 105 24.13 -3.99 15.21
C SER B 105 23.11 -4.41 14.14
N PHE B 106 22.60 -3.46 13.36
CA PHE B 106 21.56 -3.75 12.36
C PHE B 106 22.10 -4.63 11.25
N LEU B 107 23.32 -4.34 10.78
CA LEU B 107 23.92 -5.17 9.75
C LEU B 107 24.22 -6.54 10.34
N PHE B 108 24.61 -6.59 11.61
CA PHE B 108 24.85 -7.87 12.29
C PHE B 108 23.59 -8.76 12.26
N GLN B 109 22.46 -8.21 12.70
CA GLN B 109 21.21 -8.94 12.82
C GLN B 109 20.69 -9.31 11.44
N LEU B 110 20.85 -8.40 10.47
CA LEU B 110 20.48 -8.71 9.09
C LEU B 110 21.20 -9.95 8.60
N LEU B 111 22.53 -9.95 8.71
CA LEU B 111 23.34 -11.09 8.26
C LEU B 111 23.03 -12.35 9.00
N LYS B 112 22.61 -12.22 10.24
CA LYS B 112 22.30 -13.40 11.04
C LYS B 112 20.98 -13.98 10.56
N GLY B 113 19.97 -13.15 10.25
CA GLY B 113 18.72 -13.66 9.72
C GLY B 113 18.85 -14.19 8.27
N LEU B 114 19.62 -13.49 7.45
CA LEU B 114 19.84 -13.90 6.08
C LEU B 114 20.72 -15.17 6.02
N GLY B 115 21.78 -15.20 6.83
CA GLY B 115 22.57 -16.40 7.03
C GLY B 115 21.78 -17.64 7.44
N PHE B 116 20.77 -17.43 8.28
CA PHE B 116 19.90 -18.52 8.70
C PHE B 116 19.01 -19.00 7.56
N CYS B 117 18.40 -18.07 6.81
CA CYS B 117 17.63 -18.40 5.60
C CYS B 117 18.46 -19.22 4.64
N HIS B 118 19.63 -18.70 4.30
CA HIS B 118 20.51 -19.34 3.32
C HIS B 118 20.90 -20.74 3.76
N SER B 119 21.16 -20.91 5.05
CA SER B 119 21.52 -22.23 5.59
C SER B 119 20.35 -23.23 5.60
N ARG B 120 19.14 -22.71 5.51
CA ARG B 120 17.94 -23.55 5.47
C ARG B 120 17.49 -23.76 4.02
N ASN B 121 18.30 -23.24 3.10
CA ASN B 121 18.05 -23.41 1.66
C ASN B 121 16.87 -22.59 1.14
N VAL B 122 16.79 -21.34 1.61
CA VAL B 122 15.82 -20.36 1.13
C VAL B 122 16.52 -19.08 0.65
N LEU B 123 16.13 -18.58 -0.52
CA LEU B 123 16.51 -17.23 -0.98
C LEU B 123 15.37 -16.27 -0.73
N HIS B 124 15.69 -15.09 -0.20
CA HIS B 124 14.67 -14.06 0.04
C HIS B 124 14.21 -13.36 -1.26
N ARG B 125 15.18 -12.81 -2.01
CA ARG B 125 14.98 -12.19 -3.34
C ARG B 125 14.21 -10.89 -3.30
N ASP B 126 14.11 -10.29 -2.12
CA ASP B 126 13.46 -8.99 -2.02
C ASP B 126 14.04 -8.20 -0.86
N LEU B 127 15.34 -8.34 -0.60
CA LEU B 127 15.90 -7.54 0.49
C LEU B 127 15.93 -6.03 0.18
N LYS B 128 15.24 -5.24 0.99
CA LYS B 128 15.28 -3.80 0.88
C LYS B 128 14.75 -3.24 2.21
N PRO B 129 14.95 -1.94 2.49
CA PRO B 129 14.61 -1.36 3.80
C PRO B 129 13.12 -1.53 4.19
N GLN B 130 12.18 -1.40 3.25
CA GLN B 130 10.79 -1.69 3.57
C GLN B 130 10.50 -3.14 4.03
N ASN B 131 11.38 -4.10 3.74
CA ASN B 131 11.16 -5.46 4.18
C ASN B 131 11.92 -5.83 5.44
N LEU B 132 12.45 -4.83 6.13
CA LEU B 132 13.21 -5.09 7.34
C LEU B 132 12.47 -4.39 8.48
N LEU B 133 12.21 -5.14 9.55
CA LEU B 133 11.41 -4.62 10.66
C LEU B 133 12.30 -4.27 11.88
N ILE B 134 11.95 -3.19 12.56
CA ILE B 134 12.72 -2.78 13.71
C ILE B 134 11.82 -2.49 14.91
N ASN B 135 12.05 -3.23 15.98
CA ASN B 135 11.39 -3.04 17.26
C ASN B 135 11.94 -1.85 18.04
N ARG B 136 11.16 -1.38 19.01
CA ARG B 136 11.62 -0.34 19.96
C ARG B 136 12.91 -0.72 20.71
N ASN B 137 13.10 -2.02 20.94
CA ASN B 137 14.33 -2.56 21.56
C ASN B 137 15.54 -2.62 20.61
N GLY B 138 15.37 -2.18 19.36
CA GLY B 138 16.44 -2.28 18.37
C GLY B 138 16.69 -3.70 17.83
N GLU B 139 15.67 -4.58 17.95
CA GLU B 139 15.70 -5.86 17.26
C GLU B 139 15.31 -5.66 15.79
N LEU B 140 16.06 -6.29 14.89
CA LEU B 140 15.79 -6.23 13.47
C LEU B 140 15.30 -7.62 13.01
N LYS B 141 14.30 -7.61 12.13
CA LYS B 141 13.70 -8.81 11.60
C LYS B 141 13.41 -8.68 10.09
N LEU B 142 13.90 -9.66 9.30
CA LEU B 142 13.49 -9.88 7.92
C LEU B 142 11.99 -10.23 7.87
N ALA B 143 11.29 -9.67 6.89
CA ALA B 143 9.90 -9.95 6.70
C ALA B 143 9.62 -10.03 5.19
N ASN B 144 8.37 -10.32 4.84
CA ASN B 144 7.84 -10.29 3.49
C ASN B 144 8.54 -11.28 2.55
N PHE B 145 8.18 -12.53 2.74
CA PHE B 145 8.80 -13.62 2.03
C PHE B 145 7.98 -14.05 0.82
N GLY B 146 7.10 -13.18 0.32
CA GLY B 146 6.25 -13.47 -0.81
C GLY B 146 6.98 -13.74 -2.12
N LEU B 147 8.20 -13.25 -2.22
CA LEU B 147 8.99 -13.46 -3.43
C LEU B 147 10.07 -14.51 -3.16
N ALA B 148 10.17 -14.97 -1.88
CA ALA B 148 11.15 -15.99 -1.51
C ALA B 148 10.91 -17.32 -2.21
N ARG B 149 11.98 -18.11 -2.30
CA ARG B 149 11.83 -19.51 -2.68
C ARG B 149 12.90 -20.42 -2.05
N ALA B 150 12.52 -21.69 -1.89
CA ALA B 150 13.44 -22.75 -1.54
C ALA B 150 14.29 -23.06 -2.77
N PHE B 151 15.55 -23.44 -2.55
CA PHE B 151 16.39 -23.88 -3.66
C PHE B 151 17.08 -25.15 -3.22
N GLY B 152 17.62 -25.87 -4.19
CA GLY B 152 18.37 -27.05 -3.86
C GLY B 152 18.27 -28.09 -4.93
N ILE B 153 17.09 -28.24 -5.52
CA ILE B 153 16.95 -29.15 -6.64
C ILE B 153 17.61 -28.54 -7.87
N PRO B 154 18.47 -29.31 -8.55
CA PRO B 154 18.95 -28.91 -9.88
C PRO B 154 17.76 -28.46 -10.73
N VAL B 155 17.78 -27.18 -11.10
CA VAL B 155 16.74 -26.58 -11.94
C VAL B 155 17.40 -26.13 -13.25
N ARG B 156 16.59 -25.98 -14.29
CA ARG B 156 17.02 -25.38 -15.54
C ARG B 156 17.17 -23.85 -15.45
N CYS B 157 16.45 -23.24 -14.52
CA CYS B 157 16.49 -21.77 -14.28
C CYS B 157 15.48 -21.27 -13.24
N TYR B 158 15.74 -20.09 -12.69
CA TYR B 158 14.76 -19.45 -11.82
C TYR B 158 14.06 -18.41 -12.66
N SER B 159 13.76 -17.27 -12.09
CA SER B 159 13.16 -16.22 -12.85
C SER B 159 14.01 -15.00 -12.58
N ALA B 160 14.04 -14.09 -13.56
CA ALA B 160 14.83 -12.86 -13.47
C ALA B 160 14.00 -11.67 -12.96
N GLU B 161 12.67 -11.85 -12.88
CA GLU B 161 11.78 -10.80 -12.35
C GLU B 161 11.81 -10.77 -10.82
N VAL B 162 12.99 -10.51 -10.26
CA VAL B 162 13.16 -10.59 -8.82
C VAL B 162 14.05 -9.47 -8.30
N VAL B 163 13.77 -9.03 -7.09
CA VAL B 163 14.41 -7.93 -6.39
C VAL B 163 13.97 -6.59 -6.99
N THR B 164 13.50 -5.72 -6.13
CA THR B 164 13.32 -4.32 -6.45
C THR B 164 14.57 -3.70 -7.17
N LEU B 165 14.28 -2.93 -8.23
CA LEU B 165 15.31 -2.39 -9.11
C LEU B 165 16.59 -1.89 -8.37
N TRP B 166 16.42 -1.00 -7.38
CA TRP B 166 17.54 -0.34 -6.75
C TRP B 166 18.41 -1.33 -5.95
N TYR B 167 17.88 -2.53 -5.69
CA TYR B 167 18.60 -3.57 -4.92
C TYR B 167 18.96 -4.79 -5.78
N ARG B 168 18.72 -4.69 -7.08
CA ARG B 168 19.01 -5.76 -8.02
C ARG B 168 20.50 -5.81 -8.47
N PRO B 169 21.16 -6.94 -8.28
CA PRO B 169 22.55 -7.09 -8.72
C PRO B 169 22.72 -7.05 -10.26
N PRO B 170 23.88 -6.59 -10.71
CA PRO B 170 24.18 -6.54 -12.14
C PRO B 170 24.00 -7.82 -12.95
N ASP B 171 24.30 -9.00 -12.42
CA ASP B 171 24.05 -10.23 -13.17
C ASP B 171 22.57 -10.36 -13.52
N VAL B 172 21.70 -10.11 -12.53
CA VAL B 172 20.28 -10.16 -12.79
C VAL B 172 19.82 -9.02 -13.69
N LEU B 173 20.41 -7.84 -13.54
CA LEU B 173 20.18 -6.75 -14.49
C LEU B 173 20.61 -7.16 -15.89
N PHE B 174 21.63 -8.01 -15.99
CA PHE B 174 22.05 -8.56 -17.30
C PHE B 174 21.19 -9.75 -17.72
N GLY B 175 20.09 -10.01 -17.00
CA GLY B 175 19.17 -11.01 -17.47
C GLY B 175 19.47 -12.42 -16.99
N ALA B 176 20.39 -12.56 -16.03
CA ALA B 176 20.68 -13.90 -15.48
C ALA B 176 19.40 -14.46 -14.86
N LYS B 177 19.10 -15.70 -15.24
CA LYS B 177 17.92 -16.35 -14.71
C LYS B 177 18.37 -17.35 -13.66
N LEU B 178 19.67 -17.61 -13.66
CA LEU B 178 20.28 -18.51 -12.70
C LEU B 178 21.13 -17.71 -11.72
N TYR B 179 20.98 -18.01 -10.44
CA TYR B 179 21.71 -17.35 -9.36
C TYR B 179 21.64 -18.20 -8.10
N SER B 180 22.56 -17.90 -7.18
CA SER B 180 22.64 -18.49 -5.87
C SER B 180 22.29 -17.48 -4.74
N THR B 181 22.69 -17.79 -3.51
CA THR B 181 22.48 -16.93 -2.35
C THR B 181 23.14 -15.54 -2.54
N SER B 182 24.08 -15.45 -3.49
CA SER B 182 24.77 -14.20 -3.77
C SER B 182 23.80 -13.08 -4.18
N ILE B 183 22.65 -13.44 -4.71
CA ILE B 183 21.63 -12.44 -5.02
C ILE B 183 21.22 -11.63 -3.78
N ASP B 184 21.04 -12.28 -2.62
CA ASP B 184 20.65 -11.54 -1.40
C ASP B 184 21.78 -10.71 -0.81
N MET B 185 23.02 -11.19 -1.00
CA MET B 185 24.22 -10.53 -0.51
C MET B 185 24.52 -9.19 -1.19
N TRP B 186 24.23 -9.10 -2.50
CA TRP B 186 24.30 -7.79 -3.16
C TRP B 186 23.32 -6.80 -2.47
N SER B 187 22.08 -7.24 -2.26
CA SER B 187 21.05 -6.40 -1.64
C SER B 187 21.47 -5.96 -0.25
N ALA B 188 21.96 -6.89 0.56
CA ALA B 188 22.52 -6.59 1.88
C ALA B 188 23.61 -5.50 1.80
N GLY B 189 24.43 -5.54 0.74
CA GLY B 189 25.46 -4.55 0.54
C GLY B 189 24.87 -3.18 0.30
N CYS B 190 23.83 -3.14 -0.53
CA CYS B 190 23.17 -1.88 -0.83
C CYS B 190 22.54 -1.31 0.47
N ILE B 191 22.06 -2.18 1.35
CA ILE B 191 21.45 -1.70 2.59
C ILE B 191 22.51 -1.15 3.57
N PHE B 192 23.65 -1.83 3.64
CA PHE B 192 24.79 -1.40 4.41
C PHE B 192 25.18 0.05 4.05
N ALA B 193 25.32 0.36 2.77
CA ALA B 193 25.56 1.72 2.29
C ALA B 193 24.50 2.73 2.76
N GLU B 194 23.22 2.36 2.72
CA GLU B 194 22.15 3.26 3.22
C GLU B 194 22.32 3.48 4.71
N LEU B 195 22.52 2.38 5.45
CA LEU B 195 22.69 2.44 6.91
C LEU B 195 23.81 3.40 7.30
N ALA B 196 24.89 3.36 6.53
CA ALA B 196 26.13 4.02 6.89
C ALA B 196 26.28 5.44 6.36
N ASN B 197 25.40 5.84 5.45
CA ASN B 197 25.50 7.20 4.92
C ASN B 197 24.42 8.02 5.61
N ALA B 198 23.24 8.17 5.00
CA ALA B 198 22.14 8.86 5.67
C ALA B 198 20.78 8.30 5.24
N GLY B 199 20.74 6.98 5.07
CA GLY B 199 19.53 6.25 4.79
C GLY B 199 18.98 6.49 3.38
N ARG B 200 19.81 6.99 2.48
CA ARG B 200 19.39 7.21 1.11
C ARG B 200 19.94 6.10 0.23
N PRO B 201 19.18 5.63 -0.74
CA PRO B 201 19.68 4.55 -1.61
C PRO B 201 20.99 4.92 -2.34
N LEU B 202 21.87 3.93 -2.45
CA LEU B 202 23.14 4.10 -3.11
C LEU B 202 23.02 4.14 -4.62
N PHE B 203 22.08 3.37 -5.20
CA PHE B 203 21.87 3.34 -6.66
C PHE B 203 20.38 3.51 -7.07
N PRO B 204 19.84 4.73 -7.00
CA PRO B 204 18.43 4.99 -7.36
C PRO B 204 18.13 5.18 -8.86
N GLY B 205 18.39 4.15 -9.65
CA GLY B 205 18.23 4.25 -11.09
C GLY B 205 16.78 4.42 -11.54
N ASN B 206 16.62 4.96 -12.74
CA ASN B 206 15.32 5.16 -13.37
C ASN B 206 14.72 3.91 -14.06
N ASP B 207 15.58 2.96 -14.42
CA ASP B 207 15.25 1.76 -15.22
C ASP B 207 16.52 0.86 -15.27
N VAL B 208 16.41 -0.30 -15.92
CA VAL B 208 17.49 -1.29 -15.98
C VAL B 208 18.83 -0.72 -16.48
N ASP B 209 18.76 0.08 -17.53
CA ASP B 209 19.92 0.71 -18.16
C ASP B 209 20.58 1.78 -17.26
N ASP B 210 19.78 2.68 -16.69
CA ASP B 210 20.30 3.71 -15.83
C ASP B 210 20.85 3.14 -14.52
N GLN B 211 20.29 2.01 -14.10
CA GLN B 211 20.73 1.29 -12.91
C GLN B 211 22.15 0.75 -13.13
N LEU B 212 22.35 0.11 -14.29
CA LEU B 212 23.67 -0.37 -14.68
C LEU B 212 24.66 0.76 -14.75
N LYS B 213 24.27 1.93 -15.27
CA LYS B 213 25.20 3.05 -15.37
C LYS B 213 25.68 3.46 -13.98
N ARG B 214 24.73 3.58 -13.07
CA ARG B 214 25.00 4.00 -11.70
C ARG B 214 25.93 3.04 -11.00
N ILE B 215 25.69 1.75 -11.13
CA ILE B 215 26.55 0.77 -10.49
C ILE B 215 27.96 0.92 -11.06
N PHE B 216 28.07 1.00 -12.38
CA PHE B 216 29.36 1.01 -13.03
C PHE B 216 30.15 2.31 -12.84
N ARG B 217 29.48 3.45 -12.90
CA ARG B 217 30.08 4.74 -12.57
C ARG B 217 30.77 4.73 -11.18
N LEU B 218 30.12 4.16 -10.17
CA LEU B 218 30.76 4.09 -8.86
C LEU B 218 31.78 2.97 -8.70
N LEU B 219 31.44 1.75 -9.17
CA LEU B 219 32.29 0.59 -8.92
C LEU B 219 33.28 0.32 -10.05
N GLY B 220 33.03 0.87 -11.23
CA GLY B 220 33.85 0.54 -12.39
C GLY B 220 33.19 -0.55 -13.22
N THR B 221 33.24 -0.40 -14.53
CA THR B 221 32.66 -1.37 -15.43
C THR B 221 33.52 -2.62 -15.28
N PRO B 222 32.90 -3.78 -15.07
CA PRO B 222 33.64 -5.02 -14.83
C PRO B 222 34.34 -5.45 -16.10
N THR B 223 35.57 -5.94 -16.01
CA THR B 223 36.28 -6.45 -17.18
C THR B 223 35.97 -7.92 -17.33
N GLU B 224 36.28 -8.43 -18.51
CA GLU B 224 36.08 -9.83 -18.85
C GLU B 224 37.06 -10.72 -18.09
N GLU B 225 38.14 -10.11 -17.63
CA GLU B 225 39.12 -10.75 -16.77
C GLU B 225 38.51 -11.08 -15.39
N GLN B 226 37.90 -10.09 -14.75
CA GLN B 226 37.30 -10.27 -13.44
C GLN B 226 35.96 -11.05 -13.51
N TRP B 227 35.29 -10.99 -14.66
CA TRP B 227 33.99 -11.63 -14.81
C TRP B 227 33.81 -12.31 -16.19
N PRO B 228 34.42 -13.50 -16.36
CA PRO B 228 34.52 -14.14 -17.67
C PRO B 228 33.17 -14.40 -18.38
N SER B 229 32.24 -15.02 -17.67
CA SER B 229 30.98 -15.47 -18.29
C SER B 229 29.89 -14.38 -18.41
N MET B 230 30.27 -13.11 -18.25
CA MET B 230 29.33 -11.96 -18.32
C MET B 230 28.80 -11.63 -19.75
N THR B 231 29.62 -11.80 -20.78
CA THR B 231 29.18 -11.59 -22.16
C THR B 231 28.17 -12.66 -22.61
N LYS B 232 28.09 -13.75 -21.83
CA LYS B 232 27.22 -14.90 -22.12
C LYS B 232 25.80 -14.69 -21.63
N LEU B 233 25.63 -13.70 -20.77
CA LEU B 233 24.36 -13.46 -20.12
C LEU B 233 23.37 -12.90 -21.13
N PRO B 234 22.11 -13.33 -21.01
CA PRO B 234 21.10 -13.05 -22.05
C PRO B 234 20.87 -11.56 -22.36
N ASP B 235 21.04 -10.63 -21.41
CA ASP B 235 20.86 -9.19 -21.71
C ASP B 235 22.10 -8.32 -21.38
N TYR B 236 23.27 -8.90 -21.61
CA TYR B 236 24.53 -8.17 -21.59
C TYR B 236 24.58 -7.08 -22.66
N LYS B 237 25.05 -5.90 -22.26
CA LYS B 237 25.46 -4.84 -23.18
C LYS B 237 26.82 -4.32 -22.66
N PRO B 238 27.74 -4.02 -23.57
CA PRO B 238 29.02 -3.41 -23.19
C PRO B 238 28.91 -1.91 -22.91
N TYR B 239 28.91 -1.54 -21.64
CA TYR B 239 28.91 -0.14 -21.25
C TYR B 239 30.31 0.50 -21.43
N PRO B 240 30.39 1.82 -21.50
CA PRO B 240 31.71 2.47 -21.60
C PRO B 240 32.48 2.16 -20.32
N MET B 241 33.78 1.89 -20.46
CA MET B 241 34.61 1.34 -19.39
C MET B 241 34.99 2.43 -18.38
N TYR B 242 34.15 2.62 -17.37
CA TYR B 242 34.40 3.66 -16.38
C TYR B 242 35.50 3.20 -15.43
N PRO B 243 36.26 4.17 -14.90
CA PRO B 243 37.19 3.95 -13.78
C PRO B 243 36.59 3.33 -12.51
N ALA B 244 37.21 2.24 -12.02
CA ALA B 244 36.86 1.61 -10.74
C ALA B 244 37.31 2.47 -9.56
N THR B 245 36.42 3.32 -9.05
CA THR B 245 36.79 4.17 -7.91
C THR B 245 36.56 3.30 -6.69
N THR B 246 37.67 2.72 -6.21
CA THR B 246 37.61 1.65 -5.20
C THR B 246 37.49 2.33 -3.83
N SER B 247 37.97 3.57 -3.79
CA SER B 247 37.77 4.51 -2.69
C SER B 247 36.27 4.80 -2.43
N LEU B 248 35.53 3.78 -2.00
CA LEU B 248 34.08 3.87 -1.75
C LEU B 248 33.82 4.75 -0.55
N VAL B 249 34.87 5.44 -0.14
CA VAL B 249 34.88 6.31 1.02
C VAL B 249 33.97 7.53 0.85
N ASN B 250 33.85 8.03 -0.38
CA ASN B 250 33.05 9.25 -0.64
C ASN B 250 31.56 9.04 -0.46
N VAL B 251 31.13 7.79 -0.55
CA VAL B 251 29.72 7.48 -0.38
C VAL B 251 29.39 6.89 1.00
N VAL B 252 30.42 6.46 1.72
CA VAL B 252 30.21 5.94 3.05
C VAL B 252 31.28 6.50 4.02
N PRO B 253 31.27 7.82 4.20
CA PRO B 253 32.35 8.51 4.95
C PRO B 253 32.30 8.32 6.47
N LYS B 254 31.16 7.93 7.02
CA LYS B 254 31.08 7.68 8.47
C LYS B 254 31.44 6.21 8.81
N LEU B 255 31.83 5.48 7.79
CA LEU B 255 32.27 4.10 7.96
C LEU B 255 33.79 4.13 8.08
N ASN B 256 34.32 3.31 8.99
CA ASN B 256 35.76 3.05 9.12
C ASN B 256 36.32 2.17 8.00
N ALA B 257 37.65 2.07 7.92
CA ALA B 257 38.36 1.25 6.92
C ALA B 257 37.94 -0.23 6.90
N THR B 258 37.65 -0.77 8.08
CA THR B 258 37.23 -2.14 8.22
C THR B 258 35.80 -2.35 7.68
N GLY B 259 34.98 -1.31 7.85
CA GLY B 259 33.62 -1.36 7.39
C GLY B 259 33.58 -1.33 5.88
N ARG B 260 34.41 -0.46 5.31
CA ARG B 260 34.47 -0.24 3.87
C ARG B 260 34.94 -1.50 3.13
N ASP B 261 35.98 -2.11 3.66
CA ASP B 261 36.44 -3.38 3.13
C ASP B 261 35.27 -4.39 3.07
N LEU B 262 34.49 -4.51 4.13
CA LEU B 262 33.38 -5.46 4.10
C LEU B 262 32.35 -5.05 3.04
N LEU B 263 32.07 -3.75 2.98
CA LEU B 263 31.19 -3.22 1.95
C LEU B 263 31.66 -3.54 0.52
N GLN B 264 32.96 -3.40 0.25
CA GLN B 264 33.47 -3.75 -1.08
C GLN B 264 33.28 -5.24 -1.39
N ASN B 265 33.40 -6.10 -0.38
CA ASN B 265 33.20 -7.53 -0.57
C ASN B 265 31.73 -7.98 -0.80
N LEU B 266 30.76 -7.17 -0.37
CA LEU B 266 29.34 -7.45 -0.62
C LEU B 266 29.00 -7.00 -2.03
N LEU B 267 29.56 -5.86 -2.42
CA LEU B 267 29.24 -5.17 -3.67
C LEU B 267 30.15 -5.51 -4.84
N LYS B 268 30.33 -6.80 -5.08
CA LYS B 268 31.14 -7.26 -6.16
C LYS B 268 30.22 -7.53 -7.32
N CYS B 269 30.64 -7.07 -8.50
CA CYS B 269 29.82 -7.26 -9.68
C CYS B 269 29.64 -8.73 -10.03
N ASN B 270 30.75 -9.46 -10.07
CA ASN B 270 30.70 -10.88 -10.38
C ASN B 270 30.11 -11.66 -9.19
N PRO B 271 28.96 -12.31 -9.37
CA PRO B 271 28.24 -12.89 -8.24
C PRO B 271 29.11 -13.88 -7.43
N VAL B 272 30.00 -14.64 -8.08
CA VAL B 272 30.97 -15.51 -7.38
C VAL B 272 32.00 -14.79 -6.46
N GLN B 273 32.35 -13.53 -6.75
CA GLN B 273 33.29 -12.78 -5.88
C GLN B 273 32.61 -12.32 -4.54
N ARG B 274 31.29 -12.49 -4.43
CA ARG B 274 30.55 -11.96 -3.25
C ARG B 274 30.76 -12.79 -1.98
N ILE B 275 31.14 -12.16 -0.89
CA ILE B 275 31.23 -12.90 0.38
C ILE B 275 29.84 -13.42 0.77
N SER B 276 29.80 -14.54 1.48
CA SER B 276 28.55 -15.08 2.00
C SER B 276 28.24 -14.43 3.36
N ALA B 277 27.06 -14.72 3.88
CA ALA B 277 26.59 -14.17 5.14
C ALA B 277 27.37 -14.73 6.29
N GLU B 278 27.74 -16.00 6.19
CA GLU B 278 28.60 -16.64 7.18
C GLU B 278 29.98 -15.97 7.26
N GLU B 279 30.62 -15.81 6.11
CA GLU B 279 31.96 -15.22 6.03
C GLU B 279 31.91 -13.76 6.49
N ALA B 280 30.83 -13.06 6.14
CA ALA B 280 30.66 -11.67 6.56
C ALA B 280 30.53 -11.52 8.07
N LEU B 281 29.93 -12.51 8.73
CA LEU B 281 29.83 -12.48 10.18
C LEU B 281 31.18 -12.65 10.89
N GLN B 282 32.15 -13.26 10.22
CA GLN B 282 33.49 -13.44 10.78
C GLN B 282 34.47 -12.33 10.37
N HIS B 283 33.96 -11.32 9.65
CA HIS B 283 34.75 -10.19 9.17
C HIS B 283 35.23 -9.35 10.35
N PRO B 284 36.48 -8.88 10.31
CA PRO B 284 37.02 -8.02 11.39
C PRO B 284 36.10 -6.83 11.77
N TYR B 285 35.28 -6.30 10.85
CA TYR B 285 34.34 -5.22 11.17
C TYR B 285 33.67 -5.49 12.52
N PHE B 286 33.30 -6.75 12.75
CA PHE B 286 32.49 -7.14 13.91
C PHE B 286 33.46 -7.59 15.03
N SER B 287 33.07 -7.46 16.29
CA SER B 287 34.03 -7.65 17.38
C SER B 287 33.44 -7.33 18.76
N ASP B 288 32.40 -7.92 19.10
N SER C 48 -35.43 25.30 12.01
CA SER C 48 -35.67 24.05 12.82
C SER C 48 -35.62 22.79 11.96
N THR C 49 -34.88 21.78 12.43
CA THR C 49 -34.75 20.54 11.69
C THR C 49 -36.13 19.92 11.49
N SER C 50 -36.93 19.98 12.55
CA SER C 50 -38.26 19.40 12.55
C SER C 50 -39.05 19.93 11.35
N GLU C 51 -39.21 21.24 11.23
CA GLU C 51 -39.95 21.85 10.12
C GLU C 51 -39.40 21.48 8.72
N LEU C 52 -38.07 21.49 8.58
CA LEU C 52 -37.47 21.34 7.26
C LEU C 52 -37.64 19.93 6.68
N LEU C 53 -37.61 18.93 7.55
CA LEU C 53 -37.83 17.57 7.15
C LEU C 53 -39.25 17.37 6.63
N ARG C 54 -40.22 18.02 7.26
CA ARG C 54 -41.61 17.97 6.81
C ARG C 54 -41.78 18.66 5.45
N CYS C 55 -41.08 19.78 5.25
CA CYS C 55 -41.08 20.47 3.97
C CYS C 55 -40.54 19.57 2.85
N LEU C 56 -39.58 18.72 3.19
CA LEU C 56 -38.97 17.76 2.26
C LEU C 56 -39.91 16.58 1.98
N GLY C 57 -40.55 16.08 3.04
CA GLY C 57 -41.54 15.02 2.89
C GLY C 57 -42.74 15.49 2.09
N GLU C 58 -43.05 16.77 2.23
CA GLU C 58 -44.13 17.41 1.47
C GLU C 58 -43.70 17.49 0.02
N PHE C 59 -42.45 17.88 -0.16
CA PHE C 59 -41.91 18.02 -1.50
C PHE C 59 -41.97 16.70 -2.28
N LEU C 60 -41.72 15.59 -1.60
CA LEU C 60 -41.65 14.30 -2.28
C LEU C 60 -43.05 13.87 -2.72
N CYS C 61 -44.08 14.23 -1.93
CA CYS C 61 -45.46 13.95 -2.27
C CYS C 61 -45.94 14.77 -3.46
N ARG C 62 -45.43 16.00 -3.56
CA ARG C 62 -45.71 16.93 -4.64
C ARG C 62 -44.92 16.54 -5.90
N ARG C 63 -43.84 15.77 -5.70
CA ARG C 63 -43.01 15.28 -6.81
C ARG C 63 -43.46 13.90 -7.36
N CYS C 64 -43.71 12.94 -6.47
CA CYS C 64 -44.08 11.59 -6.86
C CYS C 64 -45.60 11.42 -6.89
N TYR C 65 -46.26 12.13 -7.81
CA TYR C 65 -47.73 12.15 -7.90
C TYR C 65 -48.37 10.77 -8.01
N ARG C 66 -47.58 9.78 -8.43
CA ARG C 66 -48.04 8.38 -8.55
C ARG C 66 -48.18 7.69 -7.20
N LEU C 67 -47.67 8.33 -6.15
CA LEU C 67 -47.76 7.80 -4.80
C LEU C 67 -48.70 8.65 -3.94
N LYS C 68 -49.99 8.50 -4.20
CA LYS C 68 -51.01 9.29 -3.50
C LYS C 68 -51.27 8.75 -2.09
N HIS C 69 -50.88 7.49 -1.85
CA HIS C 69 -50.97 6.85 -0.53
C HIS C 69 -49.84 7.31 0.38
N LEU C 70 -49.11 8.34 -0.05
CA LEU C 70 -47.96 8.81 0.70
C LEU C 70 -48.27 9.97 1.62
N SER C 71 -47.81 9.79 2.85
CA SER C 71 -47.94 10.78 3.92
C SER C 71 -46.55 11.38 4.11
N PRO C 72 -46.46 12.71 4.26
CA PRO C 72 -45.15 13.38 4.25
C PRO C 72 -44.28 12.94 5.44
N THR C 73 -44.91 12.26 6.39
CA THR C 73 -44.25 11.73 7.60
C THR C 73 -43.35 10.51 7.30
N ASP C 74 -43.74 9.68 6.32
CA ASP C 74 -43.02 8.43 6.00
C ASP C 74 -41.57 8.67 5.54
N PRO C 75 -41.33 9.53 4.55
CA PRO C 75 -39.95 9.81 4.13
C PRO C 75 -39.13 10.21 5.35
N VAL C 76 -39.64 11.13 6.17
CA VAL C 76 -38.98 11.56 7.38
C VAL C 76 -38.56 10.36 8.26
N LEU C 77 -39.46 9.40 8.44
CA LEU C 77 -39.19 8.17 9.20
C LEU C 77 -38.01 7.36 8.66
N TRP C 78 -37.92 7.27 7.33
CA TRP C 78 -36.82 6.59 6.66
C TRP C 78 -35.50 7.30 6.93
N LEU C 79 -35.51 8.62 6.84
CA LEU C 79 -34.32 9.42 7.11
C LEU C 79 -33.92 9.36 8.60
N ARG C 80 -34.89 9.36 9.52
CA ARG C 80 -34.55 9.40 10.94
C ARG C 80 -33.99 8.07 11.42
N SER C 81 -34.32 7.00 10.69
CA SER C 81 -33.98 5.62 11.07
C SER C 81 -32.53 5.29 10.73
N VAL C 82 -32.07 5.77 9.59
CA VAL C 82 -30.67 5.52 9.29
C VAL C 82 -29.79 6.36 10.23
N ASP C 83 -30.21 7.60 10.49
CA ASP C 83 -29.50 8.46 11.44
C ASP C 83 -29.41 7.84 12.83
N ARG C 84 -30.50 7.21 13.27
CA ARG C 84 -30.58 6.70 14.62
C ARG C 84 -29.66 5.50 14.84
N SER C 85 -29.62 4.58 13.88
CA SER C 85 -28.83 3.36 14.08
C SER C 85 -27.33 3.57 13.80
N LEU C 86 -26.99 4.58 13.02
CA LEU C 86 -25.59 4.99 12.89
C LEU C 86 -25.01 5.35 14.26
N LEU C 87 -25.81 5.94 15.14
CA LEU C 87 -25.43 5.91 16.55
C LEU C 87 -25.33 4.43 17.05
N LEU C 88 -24.33 3.71 16.53
CA LEU C 88 -23.89 2.37 17.02
C LEU C 88 -22.33 2.37 17.29
N GLN C 89 -22.00 3.57 17.94
CA GLN C 89 -20.69 3.90 18.57
C GLN C 89 -19.37 3.69 17.78
N GLY C 90 -19.20 4.42 16.68
CA GLY C 90 -18.01 4.22 15.87
C GLY C 90 -18.42 4.35 14.43
N TRP C 91 -19.72 4.63 14.23
CA TRP C 91 -20.24 5.14 12.95
C TRP C 91 -20.44 6.65 13.06
N GLN C 92 -20.96 7.14 14.18
CA GLN C 92 -21.05 8.59 14.43
C GLN C 92 -21.38 8.91 15.88
N ASP C 93 -20.69 9.88 16.46
CA ASP C 93 -20.96 10.26 17.86
C ASP C 93 -22.00 11.41 17.96
N GLN C 94 -22.59 11.76 16.82
CA GLN C 94 -23.53 12.87 16.74
C GLN C 94 -24.43 12.74 15.50
N GLY C 95 -25.64 13.27 15.58
CA GLY C 95 -26.58 13.23 14.48
C GLY C 95 -26.21 14.12 13.30
N PHE C 96 -26.27 13.54 12.12
CA PHE C 96 -25.97 14.24 10.89
C PHE C 96 -27.14 15.16 10.47
N ILE C 97 -28.38 14.75 10.72
CA ILE C 97 -29.53 15.51 10.21
C ILE C 97 -29.68 16.86 10.92
N THR C 98 -29.25 17.94 10.26
CA THR C 98 -29.35 19.29 10.80
C THR C 98 -30.02 20.11 9.72
N PRO C 99 -30.33 21.39 10.01
CA PRO C 99 -31.06 22.21 9.03
C PRO C 99 -30.29 22.29 7.72
N ALA C 100 -28.99 22.58 7.77
CA ALA C 100 -28.12 22.67 6.61
C ALA C 100 -28.08 21.38 5.78
N ASN C 101 -27.89 20.25 6.45
CA ASN C 101 -27.81 18.98 5.76
C ASN C 101 -29.12 18.54 5.09
N VAL C 102 -30.29 18.86 5.69
CA VAL C 102 -31.60 18.67 5.00
C VAL C 102 -31.67 19.53 3.73
N VAL C 103 -31.30 20.80 3.87
CA VAL C 103 -31.19 21.69 2.72
C VAL C 103 -30.33 21.08 1.59
N PHE C 104 -29.16 20.57 1.97
CA PHE C 104 -28.27 19.91 1.01
C PHE C 104 -28.96 18.69 0.42
N LEU C 105 -29.56 17.88 1.29
CA LEU C 105 -30.31 16.71 0.81
C LEU C 105 -31.38 17.13 -0.18
N TYR C 106 -32.14 18.17 0.15
CA TYR C 106 -33.21 18.64 -0.71
C TYR C 106 -32.63 19.06 -2.06
N MET C 107 -31.56 19.81 -2.04
CA MET C 107 -30.88 20.13 -3.28
C MET C 107 -30.74 18.90 -4.24
N LEU C 108 -30.14 17.80 -3.76
CA LEU C 108 -30.00 16.58 -4.58
C LEU C 108 -31.36 16.06 -5.05
N CYS C 109 -32.29 15.84 -4.11
CA CYS C 109 -33.58 15.23 -4.40
C CYS C 109 -34.39 15.97 -5.48
N ARG C 110 -34.34 17.30 -5.41
CA ARG C 110 -35.12 18.12 -6.29
C ARG C 110 -34.71 17.85 -7.74
N ASP C 111 -33.43 17.54 -7.94
CA ASP C 111 -32.90 17.37 -9.30
C ASP C 111 -32.83 15.90 -9.72
N VAL C 112 -33.08 14.99 -8.77
CA VAL C 112 -32.85 13.56 -8.99
C VAL C 112 -34.11 12.67 -8.98
N ILE C 113 -35.05 12.94 -8.07
CA ILE C 113 -36.25 12.13 -7.95
C ILE C 113 -37.20 12.37 -9.13
N SER C 114 -37.48 11.31 -9.88
CA SER C 114 -38.34 11.41 -11.05
C SER C 114 -39.78 11.52 -10.61
N SER C 115 -40.55 12.31 -11.36
CA SER C 115 -41.98 12.46 -11.09
C SER C 115 -42.71 11.16 -11.32
N GLU C 116 -42.08 10.27 -12.09
CA GLU C 116 -42.72 9.03 -12.52
C GLU C 116 -42.25 7.83 -11.69
N VAL C 117 -41.78 8.10 -10.48
CA VAL C 117 -41.37 7.01 -9.58
C VAL C 117 -42.54 6.08 -9.31
N GLY C 118 -42.32 4.79 -9.60
CA GLY C 118 -43.36 3.78 -9.55
C GLY C 118 -43.83 3.31 -8.18
N SER C 119 -42.90 3.12 -7.25
CA SER C 119 -43.25 2.59 -5.93
C SER C 119 -42.50 3.27 -4.77
N ASP C 120 -42.98 3.01 -3.54
CA ASP C 120 -42.36 3.57 -2.34
C ASP C 120 -41.03 2.91 -2.02
N HIS C 121 -40.88 1.68 -2.46
CA HIS C 121 -39.62 0.97 -2.34
C HIS C 121 -38.56 1.58 -3.29
N GLU C 122 -38.99 1.98 -4.50
CA GLU C 122 -38.12 2.64 -5.49
C GLU C 122 -37.72 4.07 -5.07
N LEU C 123 -38.68 4.76 -4.46
CA LEU C 123 -38.46 6.07 -3.90
C LEU C 123 -37.48 6.03 -2.71
N GLN C 124 -37.72 5.11 -1.79
CA GLN C 124 -36.85 4.93 -0.66
C GLN C 124 -35.41 4.71 -1.17
N ALA C 125 -35.31 3.95 -2.26
CA ALA C 125 -34.03 3.54 -2.82
C ALA C 125 -33.24 4.76 -3.31
N VAL C 126 -33.89 5.68 -4.02
CA VAL C 126 -33.20 6.83 -4.59
C VAL C 126 -32.99 7.86 -3.49
N LEU C 127 -34.01 8.08 -2.67
CA LEU C 127 -33.90 8.95 -1.50
C LEU C 127 -32.69 8.57 -0.63
N LEU C 128 -32.52 7.28 -0.36
CA LEU C 128 -31.41 6.81 0.47
C LEU C 128 -30.05 6.88 -0.23
N THR C 129 -30.05 6.76 -1.56
CA THR C 129 -28.84 7.02 -2.31
C THR C 129 -28.41 8.48 -2.10
N CYS C 130 -29.32 9.43 -2.35
CA CYS C 130 -29.06 10.85 -2.12
C CYS C 130 -28.55 11.14 -0.71
N LEU C 131 -29.14 10.47 0.28
CA LEU C 131 -28.77 10.63 1.66
C LEU C 131 -27.33 10.13 1.85
N TYR C 132 -27.02 9.00 1.23
CA TYR C 132 -25.68 8.45 1.33
C TYR C 132 -24.59 9.41 0.81
N LEU C 133 -24.83 10.02 -0.37
CA LEU C 133 -24.00 11.09 -0.93
C LEU C 133 -23.93 12.35 -0.06
N SER C 134 -25.03 12.67 0.61
CA SER C 134 -25.00 13.75 1.61
C SER C 134 -24.04 13.45 2.76
N TYR C 135 -24.12 12.24 3.30
CA TYR C 135 -23.22 11.81 4.36
C TYR C 135 -21.76 11.78 3.89
N SER C 136 -21.53 11.19 2.72
CA SER C 136 -20.20 11.16 2.10
C SER C 136 -19.64 12.57 1.97
N TYR C 137 -20.43 13.49 1.41
CA TYR C 137 -19.90 14.79 1.06
C TYR C 137 -19.81 15.77 2.23
N MET C 138 -20.83 15.77 3.10
CA MET C 138 -21.05 16.83 4.08
C MET C 138 -20.84 16.33 5.51
N GLY C 139 -20.66 15.02 5.67
CA GLY C 139 -20.64 14.44 6.99
C GLY C 139 -19.50 14.91 7.87
N ASN C 140 -19.75 14.96 9.19
CA ASN C 140 -18.75 15.36 10.17
C ASN C 140 -17.61 14.37 10.15
N GLU C 141 -17.94 13.10 9.98
CA GLU C 141 -16.93 12.06 10.00
C GLU C 141 -16.29 11.95 8.62
N ILE C 142 -15.14 11.30 8.58
CA ILE C 142 -14.38 11.18 7.36
C ILE C 142 -15.01 10.10 6.47
N SER C 143 -15.82 9.21 7.04
CA SER C 143 -16.57 8.25 6.22
C SER C 143 -17.73 7.54 6.94
N TYR C 144 -18.61 6.90 6.19
CA TYR C 144 -19.75 6.14 6.77
C TYR C 144 -19.96 4.83 6.05
N PRO C 145 -20.56 3.84 6.70
CA PRO C 145 -20.77 2.53 6.06
C PRO C 145 -21.91 2.56 5.04
N LEU C 146 -22.00 1.49 4.26
CA LEU C 146 -23.12 1.30 3.34
C LEU C 146 -24.41 0.76 3.98
N LYS C 147 -24.32 -0.02 5.05
CA LYS C 147 -25.41 -0.91 5.48
C LYS C 147 -26.82 -0.30 5.46
N PRO C 148 -27.07 0.73 6.25
CA PRO C 148 -28.43 1.26 6.40
C PRO C 148 -28.95 1.95 5.13
N PHE C 149 -28.02 2.37 4.27
CA PHE C 149 -28.37 3.06 3.04
C PHE C 149 -28.87 2.11 1.92
N LEU C 150 -28.41 0.86 1.92
CA LEU C 150 -28.80 -0.07 0.85
C LEU C 150 -30.03 -0.89 1.22
N VAL C 151 -31.09 -0.68 0.46
CA VAL C 151 -32.34 -1.37 0.69
C VAL C 151 -32.76 -2.19 -0.54
N GLU C 152 -32.10 -1.91 -1.67
CA GLU C 152 -32.33 -2.57 -2.95
C GLU C 152 -31.62 -3.91 -2.96
N SER C 153 -32.12 -4.87 -3.73
CA SER C 153 -31.46 -6.17 -3.79
C SER C 153 -30.24 -6.17 -4.75
N CYS C 154 -30.35 -5.40 -5.83
CA CYS C 154 -29.26 -5.28 -6.81
C CYS C 154 -28.22 -4.20 -6.43
N LYS C 155 -27.14 -4.63 -5.79
CA LYS C 155 -26.07 -3.73 -5.35
C LYS C 155 -25.49 -2.90 -6.50
N GLU C 156 -25.35 -3.51 -7.68
CA GLU C 156 -24.82 -2.85 -8.88
C GLU C 156 -25.57 -1.56 -9.20
N ALA C 157 -26.90 -1.62 -9.10
CA ALA C 157 -27.78 -0.49 -9.38
C ALA C 157 -27.55 0.68 -8.43
N PHE C 158 -27.31 0.37 -7.16
CA PHE C 158 -27.05 1.39 -6.17
C PHE C 158 -25.85 2.26 -6.57
N TRP C 159 -24.76 1.63 -7.02
CA TRP C 159 -23.51 2.28 -7.30
C TRP C 159 -23.59 3.05 -8.60
N ASP C 160 -24.30 2.48 -9.57
CA ASP C 160 -24.64 3.18 -10.79
C ASP C 160 -25.34 4.52 -10.48
N ARG C 161 -26.34 4.46 -9.60
CA ARG C 161 -27.04 5.69 -9.20
C ARG C 161 -26.13 6.73 -8.52
N CYS C 162 -25.25 6.27 -7.62
CA CYS C 162 -24.24 7.10 -6.97
C CYS C 162 -23.39 7.87 -7.97
N LEU C 163 -22.89 7.18 -9.00
CA LEU C 163 -22.13 7.80 -10.07
C LEU C 163 -22.97 8.73 -10.96
N SER C 164 -24.21 8.32 -11.31
CA SER C 164 -25.12 9.19 -12.07
C SER C 164 -25.43 10.53 -11.36
N VAL C 165 -25.78 10.47 -10.09
CA VAL C 165 -26.08 11.68 -9.31
C VAL C 165 -24.83 12.59 -9.22
N ILE C 166 -23.69 11.99 -8.91
CA ILE C 166 -22.41 12.73 -8.84
C ILE C 166 -22.04 13.44 -10.15
N ASN C 167 -22.22 12.75 -11.27
CA ASN C 167 -21.88 13.31 -12.56
C ASN C 167 -22.77 14.48 -12.96
N LEU C 168 -23.94 14.56 -12.37
CA LEU C 168 -24.89 15.65 -12.63
C LEU C 168 -24.81 16.79 -11.58
N MET C 169 -24.50 16.45 -10.33
CA MET C 169 -24.70 17.38 -9.22
C MET C 169 -23.39 17.96 -8.64
N SER C 170 -22.27 17.41 -9.09
CA SER C 170 -21.00 17.72 -8.48
C SER C 170 -20.72 19.23 -8.34
N SER C 171 -21.01 20.01 -9.37
CA SER C 171 -20.88 21.49 -9.32
C SER C 171 -21.83 22.14 -8.30
N LYS C 172 -23.08 21.68 -8.23
CA LYS C 172 -23.98 22.24 -7.24
C LYS C 172 -23.56 21.84 -5.81
N MET C 173 -22.95 20.66 -5.64
CA MET C 173 -22.60 20.19 -4.30
C MET C 173 -21.53 21.13 -3.66
N LEU C 174 -20.64 21.64 -4.51
CA LEU C 174 -19.62 22.58 -4.12
C LEU C 174 -20.18 24.02 -4.05
N GLN C 175 -21.01 24.37 -5.03
CA GLN C 175 -21.56 25.72 -5.12
C GLN C 175 -22.42 26.04 -3.90
N ILE C 176 -23.18 25.07 -3.40
CA ILE C 176 -24.00 25.38 -2.23
C ILE C 176 -23.18 25.79 -0.99
N ASN C 177 -21.96 25.27 -0.94
CA ASN C 177 -20.99 25.51 0.11
C ASN C 177 -20.22 26.80 -0.10
N ALA C 178 -19.82 27.06 -1.34
CA ALA C 178 -18.98 28.22 -1.67
C ALA C 178 -19.78 29.51 -1.87
N ASP C 179 -21.07 29.36 -2.16
CA ASP C 179 -21.87 30.49 -2.61
C ASP C 179 -23.10 30.63 -1.71
N PRO C 180 -22.96 31.41 -0.64
CA PRO C 180 -24.01 31.56 0.38
C PRO C 180 -25.36 32.10 -0.13
N HIS C 181 -25.34 32.86 -1.22
CA HIS C 181 -26.58 33.38 -1.82
C HIS C 181 -27.36 32.20 -2.39
N TYR C 182 -26.64 31.22 -2.92
CA TYR C 182 -27.26 30.03 -3.47
C TYR C 182 -27.79 29.13 -2.35
N PHE C 183 -27.09 29.10 -1.23
CA PHE C 183 -27.54 28.31 -0.09
C PHE C 183 -28.86 28.92 0.41
N THR C 184 -28.90 30.25 0.57
CA THR C 184 -30.10 30.98 0.99
C THR C 184 -31.27 30.72 0.04
N GLN C 185 -31.03 30.78 -1.27
CA GLN C 185 -32.06 30.48 -2.28
C GLN C 185 -32.65 29.09 -2.13
N VAL C 186 -31.81 28.08 -1.87
CA VAL C 186 -32.29 26.69 -1.75
C VAL C 186 -33.05 26.51 -0.44
N PHE C 187 -32.53 27.13 0.62
CA PHE C 187 -33.21 27.09 1.90
C PHE C 187 -34.60 27.70 1.79
N SER C 188 -34.66 28.82 1.07
CA SER C 188 -35.92 29.56 0.82
C SER C 188 -36.95 28.67 0.08
N ASP C 189 -36.54 28.08 -1.06
CA ASP C 189 -37.37 27.13 -1.80
C ASP C 189 -37.88 25.97 -0.97
N LEU C 190 -37.01 25.35 -0.17
CA LEU C 190 -37.40 24.27 0.72
C LEU C 190 -38.47 24.72 1.70
N LYS C 191 -38.23 25.86 2.35
CA LYS C 191 -39.20 26.54 3.20
C LYS C 191 -40.56 26.71 2.50
N ASN C 192 -40.51 27.01 1.20
CA ASN C 192 -41.71 27.33 0.42
C ASN C 192 -42.46 26.10 -0.14
N GLU C 193 -41.86 24.95 0.08
CA GLU C 193 -42.44 23.67 -0.30
C GLU C 193 -43.57 23.27 0.65
N SER C 194 -43.73 24.03 1.72
CA SER C 194 -44.61 23.68 2.83
C SER C 194 -46.11 23.80 2.50
N GLY C 195 -46.72 24.87 2.38
N SER D 48 13.43 -38.53 -17.12
CA SER D 48 12.41 -38.46 -18.21
C SER D 48 11.01 -38.22 -17.67
N THR D 49 10.45 -37.07 -18.03
CA THR D 49 9.17 -36.64 -17.52
C THR D 49 8.11 -37.71 -17.75
N SER D 50 8.07 -38.18 -18.99
CA SER D 50 7.14 -39.14 -19.50
C SER D 50 7.10 -40.43 -18.68
N GLU D 51 8.25 -41.05 -18.41
CA GLU D 51 8.26 -42.25 -17.57
C GLU D 51 7.85 -41.99 -16.11
N LEU D 52 8.13 -40.79 -15.59
CA LEU D 52 7.75 -40.49 -14.20
C LEU D 52 6.25 -40.21 -14.04
N LEU D 53 5.64 -39.59 -15.04
CA LEU D 53 4.21 -39.32 -15.04
C LEU D 53 3.38 -40.60 -15.07
N ARG D 54 3.87 -41.60 -15.82
CA ARG D 54 3.25 -42.92 -15.85
C ARG D 54 3.35 -43.61 -14.47
N CYS D 55 4.53 -43.55 -13.86
CA CYS D 55 4.73 -44.08 -12.52
C CYS D 55 3.76 -43.46 -11.52
N LEU D 56 3.50 -42.14 -11.65
CA LEU D 56 2.56 -41.44 -10.76
C LEU D 56 1.14 -41.95 -10.97
N GLY D 57 0.74 -42.07 -12.23
CA GLY D 57 -0.59 -42.52 -12.58
C GLY D 57 -0.79 -43.90 -11.99
N GLU D 58 0.25 -44.72 -12.08
CA GLU D 58 0.20 -46.06 -11.49
C GLU D 58 0.15 -46.03 -9.97
N PHE D 59 0.91 -45.11 -9.36
CA PHE D 59 0.84 -44.94 -7.92
C PHE D 59 -0.61 -44.66 -7.49
N LEU D 60 -1.30 -43.84 -8.26
CA LEU D 60 -2.60 -43.35 -7.88
C LEU D 60 -3.64 -44.46 -8.01
N CYS D 61 -3.50 -45.30 -9.05
CA CYS D 61 -4.36 -46.49 -9.24
C CYS D 61 -4.17 -47.52 -8.15
N ARG D 62 -2.95 -47.61 -7.64
CA ARG D 62 -2.57 -48.54 -6.57
C ARG D 62 -3.12 -48.01 -5.24
N ARG D 63 -3.06 -46.70 -5.07
CA ARG D 63 -3.50 -46.04 -3.86
C ARG D 63 -5.05 -45.93 -3.79
N CYS D 64 -5.67 -45.48 -4.87
CA CYS D 64 -7.13 -45.34 -4.90
C CYS D 64 -7.78 -46.63 -5.40
N TYR D 65 -7.69 -47.66 -4.57
CA TYR D 65 -8.19 -49.01 -4.89
C TYR D 65 -9.71 -49.06 -5.10
N ARG D 66 -10.41 -48.01 -4.69
CA ARG D 66 -11.86 -47.91 -4.88
C ARG D 66 -12.21 -47.55 -6.32
N LEU D 67 -11.21 -47.07 -7.06
CA LEU D 67 -11.43 -46.64 -8.44
C LEU D 67 -10.92 -47.69 -9.44
N LYS D 68 -11.64 -48.80 -9.55
CA LYS D 68 -11.20 -49.92 -10.39
C LYS D 68 -11.38 -49.65 -11.89
N HIS D 69 -12.17 -48.64 -12.21
CA HIS D 69 -12.36 -48.19 -13.60
C HIS D 69 -11.22 -47.27 -14.08
N LEU D 70 -10.29 -46.92 -13.18
CA LEU D 70 -9.31 -45.87 -13.51
C LEU D 70 -8.07 -46.38 -14.25
N SER D 71 -7.73 -45.68 -15.32
CA SER D 71 -6.49 -45.94 -16.03
C SER D 71 -5.39 -45.06 -15.45
N PRO D 72 -4.15 -45.56 -15.43
CA PRO D 72 -3.00 -44.73 -15.06
C PRO D 72 -2.79 -43.55 -16.02
N THR D 73 -3.40 -43.62 -17.20
CA THR D 73 -3.34 -42.54 -18.19
C THR D 73 -4.26 -41.36 -17.89
N ASP D 74 -5.33 -41.59 -17.14
CA ASP D 74 -6.29 -40.52 -16.86
C ASP D 74 -5.64 -39.36 -16.09
N PRO D 75 -4.99 -39.63 -14.97
CA PRO D 75 -4.45 -38.54 -14.16
C PRO D 75 -3.35 -37.80 -14.92
N VAL D 76 -2.62 -38.52 -15.77
CA VAL D 76 -1.56 -37.95 -16.60
C VAL D 76 -2.17 -36.88 -17.48
N LEU D 77 -3.27 -37.24 -18.13
CA LEU D 77 -4.04 -36.32 -18.93
C LEU D 77 -4.48 -35.05 -18.17
N TRP D 78 -5.03 -35.21 -16.96
CA TRP D 78 -5.49 -34.06 -16.17
C TRP D 78 -4.35 -33.11 -15.85
N LEU D 79 -3.18 -33.67 -15.56
CA LEU D 79 -1.99 -32.87 -15.32
C LEU D 79 -1.51 -32.13 -16.59
N ARG D 80 -1.27 -32.86 -17.70
CA ARG D 80 -0.82 -32.23 -18.95
C ARG D 80 -1.74 -31.10 -19.39
N SER D 81 -3.02 -31.17 -19.04
CA SER D 81 -4.01 -30.21 -19.49
C SER D 81 -3.81 -28.83 -18.87
N VAL D 82 -3.69 -28.77 -17.53
CA VAL D 82 -3.43 -27.48 -16.88
C VAL D 82 -2.12 -26.86 -17.38
N ASP D 83 -1.09 -27.68 -17.53
CA ASP D 83 0.18 -27.21 -18.06
C ASP D 83 0.07 -26.66 -19.48
N ARG D 84 -0.72 -27.34 -20.31
CA ARG D 84 -0.85 -26.95 -21.70
C ARG D 84 -1.57 -25.62 -21.79
N SER D 85 -2.69 -25.48 -21.07
CA SER D 85 -3.46 -24.25 -21.20
C SER D 85 -2.78 -23.06 -20.55
N LEU D 86 -1.94 -23.28 -19.52
CA LEU D 86 -1.21 -22.21 -18.86
C LEU D 86 -0.30 -21.52 -19.90
N LEU D 87 -0.40 -21.98 -21.19
CA LEU D 87 0.38 -21.53 -22.37
C LEU D 87 -0.45 -20.63 -23.26
N LEU D 88 -1.15 -19.85 -22.43
CA LEU D 88 -1.96 -18.68 -22.72
C LEU D 88 -1.14 -17.74 -21.92
N GLN D 89 0.09 -18.23 -22.30
CA GLN D 89 1.47 -17.90 -22.00
C GLN D 89 1.69 -16.44 -22.32
N GLY D 90 0.51 -15.83 -22.17
CA GLY D 90 0.17 -14.58 -21.00
C GLY D 90 0.05 -14.88 -19.51
N TRP D 91 0.32 -16.16 -19.29
CA TRP D 91 0.40 -16.73 -17.96
C TRP D 91 1.88 -17.31 -17.76
N GLN D 92 2.38 -18.44 -18.38
CA GLN D 92 3.80 -18.99 -18.21
C GLN D 92 4.51 -19.08 -19.59
N ASP D 93 5.79 -18.71 -19.76
CA ASP D 93 6.46 -18.76 -21.10
C ASP D 93 7.15 -20.15 -21.34
N GLN D 94 6.95 -21.07 -20.38
CA GLN D 94 7.57 -22.42 -20.38
C GLN D 94 6.76 -23.47 -19.57
N GLY D 95 6.99 -24.76 -19.82
CA GLY D 95 6.29 -25.83 -19.14
C GLY D 95 6.84 -26.19 -17.77
N PHE D 96 5.95 -26.38 -16.79
CA PHE D 96 6.34 -26.62 -15.40
C PHE D 96 6.66 -28.10 -15.16
N ILE D 97 6.04 -29.01 -15.89
CA ILE D 97 6.22 -30.42 -15.61
C ILE D 97 7.59 -30.95 -16.08
N THR D 98 8.53 -31.07 -15.13
CA THR D 98 9.86 -31.61 -15.37
C THR D 98 10.01 -32.83 -14.48
N PRO D 99 11.12 -33.55 -14.60
CA PRO D 99 11.38 -34.70 -13.73
C PRO D 99 11.31 -34.34 -12.27
N ALA D 100 11.99 -33.28 -11.87
CA ALA D 100 12.06 -32.88 -10.47
C ALA D 100 10.67 -32.48 -9.93
N ASN D 101 9.93 -31.70 -10.71
CA ASN D 101 8.60 -31.29 -10.28
C ASN D 101 7.58 -32.46 -10.19
N VAL D 102 7.70 -33.49 -11.05
CA VAL D 102 6.84 -34.69 -10.92
C VAL D 102 7.15 -35.36 -9.56
N VAL D 103 8.44 -35.40 -9.22
CA VAL D 103 8.91 -36.04 -7.99
C VAL D 103 8.34 -35.31 -6.80
N PHE D 104 8.49 -34.00 -6.81
CA PHE D 104 7.89 -33.15 -5.81
C PHE D 104 6.37 -33.37 -5.69
N LEU D 105 5.68 -33.46 -6.83
CA LEU D 105 4.23 -33.65 -6.79
C LEU D 105 3.88 -35.00 -6.13
N TYR D 106 4.61 -36.04 -6.50
CA TYR D 106 4.41 -37.36 -5.95
C TYR D 106 4.64 -37.35 -4.45
N MET D 107 5.68 -36.68 -4.02
CA MET D 107 5.91 -36.54 -2.60
C MET D 107 4.67 -35.98 -1.87
N LEU D 108 4.02 -34.96 -2.45
CA LEU D 108 2.74 -34.45 -1.83
C LEU D 108 1.66 -35.52 -1.83
N CYS D 109 1.47 -36.14 -2.99
CA CYS D 109 0.39 -37.08 -3.22
C CYS D 109 0.41 -38.29 -2.28
N ARG D 110 1.59 -38.82 -2.06
CA ARG D 110 1.73 -40.05 -1.32
C ARG D 110 1.27 -39.84 0.14
N ASP D 111 1.41 -38.63 0.66
CA ASP D 111 1.03 -38.40 2.06
C ASP D 111 -0.37 -37.78 2.14
N VAL D 112 -0.88 -37.26 1.01
CA VAL D 112 -2.15 -36.51 1.01
C VAL D 112 -3.37 -37.25 0.42
N ILE D 113 -3.19 -38.04 -0.62
CA ILE D 113 -4.32 -38.73 -1.23
C ILE D 113 -4.79 -39.89 -0.34
N SER D 114 -6.04 -39.88 0.06
CA SER D 114 -6.54 -40.97 0.88
C SER D 114 -6.83 -42.24 0.08
N SER D 115 -6.57 -43.40 0.69
CA SER D 115 -6.94 -44.68 0.11
C SER D 115 -8.45 -44.82 -0.11
N GLU D 116 -9.22 -43.94 0.55
CA GLU D 116 -10.66 -44.02 0.60
C GLU D 116 -11.36 -43.06 -0.35
N VAL D 117 -10.59 -42.45 -1.24
CA VAL D 117 -11.14 -41.56 -2.26
C VAL D 117 -12.25 -42.29 -3.01
N GLY D 118 -13.41 -41.66 -3.11
CA GLY D 118 -14.62 -42.31 -3.63
C GLY D 118 -14.98 -42.24 -5.11
N SER D 119 -14.52 -41.22 -5.82
CA SER D 119 -14.92 -40.99 -7.21
C SER D 119 -13.74 -40.33 -7.91
N ASP D 120 -13.76 -40.22 -9.23
CA ASP D 120 -12.66 -39.57 -9.93
C ASP D 120 -12.71 -38.05 -9.85
N HIS D 121 -13.89 -37.51 -9.58
CA HIS D 121 -14.04 -36.09 -9.41
C HIS D 121 -13.28 -35.67 -8.16
N GLU D 122 -13.39 -36.52 -7.13
CA GLU D 122 -12.75 -36.29 -5.85
C GLU D 122 -11.23 -36.49 -5.87
N LEU D 123 -10.78 -37.51 -6.60
CA LEU D 123 -9.33 -37.67 -6.79
C LEU D 123 -8.73 -36.48 -7.57
N GLN D 124 -9.42 -36.04 -8.62
CA GLN D 124 -8.94 -34.98 -9.48
C GLN D 124 -8.83 -33.65 -8.70
N ALA D 125 -9.85 -33.36 -7.89
CA ALA D 125 -9.83 -32.23 -6.99
C ALA D 125 -8.65 -32.23 -5.98
N VAL D 126 -8.38 -33.37 -5.33
CA VAL D 126 -7.24 -33.40 -4.40
C VAL D 126 -5.93 -33.34 -5.18
N LEU D 127 -5.84 -34.13 -6.24
CA LEU D 127 -4.64 -34.11 -7.08
C LEU D 127 -4.33 -32.69 -7.60
N LEU D 128 -5.35 -31.95 -7.98
CA LEU D 128 -5.17 -30.64 -8.59
C LEU D 128 -4.86 -29.59 -7.52
N THR D 129 -5.30 -29.84 -6.30
CA THR D 129 -4.84 -29.06 -5.18
C THR D 129 -3.35 -29.25 -4.99
N CYS D 130 -2.88 -30.50 -5.00
CA CYS D 130 -1.47 -30.80 -4.82
C CYS D 130 -0.60 -30.16 -5.93
N LEU D 131 -1.12 -30.19 -7.16
CA LEU D 131 -0.42 -29.61 -8.30
C LEU D 131 -0.27 -28.09 -8.16
N TYR D 132 -1.35 -27.43 -7.76
CA TYR D 132 -1.34 -25.99 -7.51
C TYR D 132 -0.27 -25.56 -6.51
N LEU D 133 -0.21 -26.24 -5.37
CA LEU D 133 0.84 -26.07 -4.37
C LEU D 133 2.25 -26.29 -4.94
N SER D 134 2.39 -27.30 -5.78
CA SER D 134 3.61 -27.51 -6.56
C SER D 134 4.01 -26.31 -7.43
N TYR D 135 3.06 -25.73 -8.17
CA TYR D 135 3.36 -24.52 -8.97
C TYR D 135 3.71 -23.35 -8.07
N SER D 136 2.90 -23.16 -7.03
CA SER D 136 3.12 -22.15 -6.00
C SER D 136 4.50 -22.27 -5.34
N TYR D 137 4.93 -23.49 -5.04
CA TYR D 137 6.18 -23.63 -4.29
C TYR D 137 7.48 -23.68 -5.14
N MET D 138 7.41 -24.40 -6.27
CA MET D 138 8.54 -24.74 -7.13
C MET D 138 8.48 -24.07 -8.51
N GLY D 139 7.34 -23.50 -8.85
CA GLY D 139 7.14 -22.80 -10.11
C GLY D 139 8.20 -21.75 -10.41
N ASN D 140 8.48 -21.56 -11.71
CA ASN D 140 9.52 -20.65 -12.18
C ASN D 140 9.03 -19.23 -12.13
N GLU D 141 7.73 -19.04 -12.28
CA GLU D 141 7.15 -17.71 -12.25
C GLU D 141 7.00 -17.35 -10.78
N ILE D 142 6.56 -16.14 -10.51
CA ILE D 142 6.34 -15.71 -9.15
C ILE D 142 4.96 -16.08 -8.68
N SER D 143 4.10 -16.50 -9.62
CA SER D 143 2.73 -16.86 -9.27
C SER D 143 1.88 -17.37 -10.44
N TYR D 144 0.80 -18.06 -10.10
CA TYR D 144 -0.06 -18.70 -11.09
C TYR D 144 -1.51 -18.44 -10.76
N PRO D 145 -2.34 -18.48 -11.78
CA PRO D 145 -3.76 -18.27 -11.57
C PRO D 145 -4.44 -19.53 -11.02
N LEU D 146 -5.68 -19.38 -10.57
CA LEU D 146 -6.44 -20.48 -9.99
C LEU D 146 -7.34 -21.26 -10.98
N LYS D 147 -7.90 -20.57 -11.96
CA LYS D 147 -8.90 -21.12 -12.91
C LYS D 147 -8.73 -22.63 -13.29
N PRO D 148 -7.62 -23.03 -13.92
CA PRO D 148 -7.45 -24.43 -14.36
C PRO D 148 -7.26 -25.49 -13.27
N PHE D 149 -7.06 -25.05 -12.02
CA PHE D 149 -6.77 -25.98 -10.92
C PHE D 149 -8.02 -26.36 -10.17
N LEU D 150 -9.08 -25.60 -10.41
CA LEU D 150 -10.34 -25.73 -9.71
C LEU D 150 -11.31 -26.53 -10.55
N VAL D 151 -11.93 -27.55 -9.96
CA VAL D 151 -12.94 -28.35 -10.67
C VAL D 151 -14.11 -28.68 -9.72
N GLU D 152 -13.94 -28.27 -8.46
CA GLU D 152 -14.97 -28.36 -7.42
C GLU D 152 -15.85 -27.17 -7.57
N SER D 153 -17.14 -27.32 -7.23
CA SER D 153 -18.06 -26.20 -7.21
C SER D 153 -17.89 -25.33 -5.95
N CYS D 154 -17.39 -25.95 -4.88
CA CYS D 154 -17.18 -25.32 -3.57
C CYS D 154 -15.75 -24.76 -3.41
N LYS D 155 -15.57 -23.53 -3.88
CA LYS D 155 -14.29 -22.78 -3.78
C LYS D 155 -13.63 -22.76 -2.40
N GLU D 156 -14.45 -22.55 -1.35
CA GLU D 156 -13.97 -22.53 0.03
C GLU D 156 -13.22 -23.83 0.42
N ALA D 157 -13.74 -24.99 0.02
CA ALA D 157 -13.12 -26.27 0.36
C ALA D 157 -11.73 -26.46 -0.31
N PHE D 158 -11.55 -25.88 -1.50
CA PHE D 158 -10.29 -25.85 -2.17
C PHE D 158 -9.20 -25.13 -1.32
N TRP D 159 -9.55 -23.96 -0.77
CA TRP D 159 -8.66 -23.19 0.08
C TRP D 159 -8.38 -23.91 1.39
N ASP D 160 -9.40 -24.56 1.95
CA ASP D 160 -9.27 -25.37 3.16
C ASP D 160 -8.24 -26.47 2.93
N ARG D 161 -8.37 -27.15 1.79
CA ARG D 161 -7.45 -28.23 1.42
C ARG D 161 -5.99 -27.72 1.25
N CYS D 162 -5.81 -26.58 0.59
CA CYS D 162 -4.48 -25.96 0.46
C CYS D 162 -3.82 -25.75 1.82
N LEU D 163 -4.59 -25.23 2.79
CA LEU D 163 -4.07 -25.03 4.15
C LEU D 163 -3.76 -26.33 4.92
N SER D 164 -4.64 -27.32 4.83
CA SER D 164 -4.39 -28.64 5.42
C SER D 164 -3.08 -29.23 4.93
N VAL D 165 -2.92 -29.39 3.62
CA VAL D 165 -1.73 -29.94 3.03
C VAL D 165 -0.44 -29.20 3.48
N ILE D 166 -0.49 -27.86 3.44
CA ILE D 166 0.63 -27.02 3.88
C ILE D 166 1.02 -27.27 5.36
N ASN D 167 0.03 -27.38 6.21
CA ASN D 167 0.25 -27.55 7.64
C ASN D 167 0.78 -28.94 7.92
N LEU D 168 0.50 -29.88 7.01
CA LEU D 168 1.09 -31.22 7.08
C LEU D 168 2.42 -31.39 6.33
N MET D 169 2.60 -30.72 5.17
CA MET D 169 3.73 -31.04 4.27
C MET D 169 4.91 -30.04 4.23
N SER D 170 4.73 -28.95 4.93
CA SER D 170 5.62 -27.80 4.86
C SER D 170 7.09 -28.18 5.05
N SER D 171 7.36 -29.06 6.01
CA SER D 171 8.73 -29.51 6.35
C SER D 171 9.35 -30.36 5.26
N LYS D 172 8.51 -31.17 4.66
CA LYS D 172 8.95 -32.06 3.62
C LYS D 172 9.18 -31.24 2.36
N MET D 173 8.36 -30.22 2.14
CA MET D 173 8.44 -29.41 0.94
C MET D 173 9.82 -28.74 0.89
N LEU D 174 10.31 -28.33 2.06
CA LEU D 174 11.65 -27.75 2.17
C LEU D 174 12.77 -28.80 2.16
N GLN D 175 12.54 -29.91 2.86
CA GLN D 175 13.55 -30.97 2.95
C GLN D 175 13.88 -31.54 1.58
N ILE D 176 12.87 -31.83 0.76
CA ILE D 176 13.18 -32.39 -0.52
C ILE D 176 14.17 -31.51 -1.31
N ASN D 177 14.14 -30.20 -1.02
CA ASN D 177 15.02 -29.21 -1.65
C ASN D 177 16.38 -29.12 -0.99
N ALA D 178 16.43 -29.21 0.34
CA ALA D 178 17.65 -29.02 1.15
C ALA D 178 18.49 -30.27 1.31
N ASP D 179 17.89 -31.43 1.05
CA ASP D 179 18.47 -32.70 1.43
C ASP D 179 18.45 -33.60 0.19
N PRO D 180 19.54 -33.60 -0.56
CA PRO D 180 19.62 -34.35 -1.82
C PRO D 180 19.42 -35.85 -1.64
N HIS D 181 19.82 -36.38 -0.48
CA HIS D 181 19.65 -37.80 -0.17
C HIS D 181 18.16 -38.14 -0.04
N TYR D 182 17.38 -37.18 0.44
CA TYR D 182 15.94 -37.34 0.51
C TYR D 182 15.27 -37.23 -0.86
N PHE D 183 15.72 -36.26 -1.68
CA PHE D 183 15.26 -36.16 -3.06
C PHE D 183 15.47 -37.50 -3.80
N THR D 184 16.68 -38.06 -3.74
CA THR D 184 16.97 -39.38 -4.31
C THR D 184 16.06 -40.54 -3.85
N GLN D 185 15.80 -40.63 -2.54
CA GLN D 185 14.87 -41.61 -1.97
C GLN D 185 13.43 -41.51 -2.51
N VAL D 186 12.89 -40.29 -2.65
CA VAL D 186 11.55 -40.07 -3.20
C VAL D 186 11.54 -40.46 -4.69
N PHE D 187 12.59 -40.06 -5.39
CA PHE D 187 12.70 -40.29 -6.82
C PHE D 187 12.69 -41.80 -7.07
N SER D 188 13.45 -42.48 -6.24
CA SER D 188 13.61 -43.92 -6.34
C SER D 188 12.28 -44.63 -6.06
N ASP D 189 11.58 -44.23 -5.00
CA ASP D 189 10.26 -44.76 -4.69
C ASP D 189 9.30 -44.53 -5.85
N LEU D 190 9.39 -43.37 -6.51
CA LEU D 190 8.54 -43.11 -7.67
C LEU D 190 8.85 -44.08 -8.80
N LYS D 191 10.14 -44.25 -9.09
CA LYS D 191 10.65 -45.22 -10.06
C LYS D 191 10.11 -46.64 -9.82
N ASN D 192 10.08 -47.04 -8.55
CA ASN D 192 9.62 -48.39 -8.17
C ASN D 192 8.10 -48.58 -8.10
N GLU D 193 7.38 -47.50 -8.36
CA GLU D 193 5.92 -47.49 -8.40
C GLU D 193 5.42 -48.22 -9.66
N SER D 194 6.26 -48.19 -10.69
CA SER D 194 5.99 -48.75 -12.00
C SER D 194 5.58 -50.22 -11.92
N GLY D 195 6.40 -51.12 -11.64
#